data_8PKM
#
_entry.id   8PKM
#
loop_
_entity.id
_entity.type
_entity.pdbx_description
1 polymer 'Guanine nucleotide-binding protein G(i) subunit alpha-1'
2 polymer 'Guanine nucleotide-binding protein G(I)/G(S)/G(T) subunit beta-1'
3 polymer 'Guanine nucleotide-binding protein G(I)/G(S)/G(O) subunit gamma-2'
4 polymer '5-hydroxytryptamine receptor 1A'
5 non-polymer CHOLESTEROL
6 non-polymer '(2R)-1-(heptadecanoyloxy)-3-{[(R)-hydroxy{[(1R,2R,3R,4R,5S,6R)-2,3,5,6-tetrahydroxy-4-(phosphonooxy)cyclohexyl]oxy}phosphoryl]oxy}propan-2-yl (5Z,8Z,11Z,14Z)-icosa-5,8,11,14-tetraenoate'
7 non-polymer (3-chloranyl-4-fluoranyl-phenyl)-[4-fluoranyl-4-[[(5-methylpyridin-2-yl)methylamino]methyl]piperidin-1-yl]methanone
#
loop_
_entity_poly.entity_id
_entity_poly.type
_entity_poly.pdbx_seq_one_letter_code
_entity_poly.pdbx_strand_id
1 'polypeptide(L)'
;MGCTLSAEDKAAVERSKMIDRNLREDGEKAAREVKLLLLGAGESGKNTIVKQMKIIHEAGYSEEECKQYKAVVYSNTIQS
IIAIIRAMGRLKIDFGDSARADDARQLFVLAGAAEEGFMTAELAGVIKRLWKDSGVQACFNRSREYQLNDSAAYYLNDLD
RIAQPNYIPTQQDVLRTRVKTTGIVETHFTFKDLHFKMFDVGAQRSERKKWIHCFEGVTAIIFCVALSDYDLVLAEDEEM
NRMHASMKLFDSICNNKWFTDTSIILFLNKKDLFEEKIKKSPLTICYPEYAGSNTYEEAAAYIQCQFEDLNKRKDTKEIY
THFTCSTDTKNVQFVFDAVTDVIIKNNLKDCGLF
;
A
2 'polypeptide(L)'
;MHHHHHHHHGSSGSELDQLRQEAEQLKNQIRDARKACADATLSQITNNIDPVGRIQMRTRRTLRGHLAKIYAMHWGTDSR
LLVSASQDGKLIIWDSYTTNKVHAIPLRSSWVMTCAYAPSGNYVACGGLDNICSIYNLKTREGNVRVSRELAGHTGYLSC
CRFLDDNQIVTSSGDTTCALWDIETGQQTTTFTGHTGDVMSLSLAPDTRLFVSGACDASAKLWDVREGMCRQTFTGHESD
INAICFFPNGNAFATGSDDATCRLFDLRADQELMTYSHDNIICGITSVSFSKSGRLLLAGYDDFNCNVWDALKADRAGVL
AGHDNRVSCLGVTDDGMAVATGSWDSFLKIWN
;
B
3 'polypeptide(L)' MASNNTASIAQARKLVEQLKMEANIDRIKVSKAAADLMAYCEAHAKEDPLLTPVPASENPFREKKFFCAIL G
4 'polypeptide(L)'
;MKTIIALSYIFCLVFADYKDDDDAAAAHHHHHHHHHHENLYFQGMDVLSPGQGNNTTSPPAPFETGGNTTGISDVTVSYQ
VITSLLLGTLIFCAVLGNACVVAAIALERSLQNVANYLIGSLAVTDLMVSVLVLPMAALYQVLNKWTLGQVTCDLFIALD
VLCCTSSIWHLCAIALDRYWAITDPIDYVNKRTPRRAAALISLTWLIGFLISIPPMLGWRTPEDRSDPDACTISKDHGYT
IYSTFGAFYIPLLLMLVLYGRIFRAARFRIRKTVKKVEKTGADTRHGASPAPQPKKSVNGESGSRNWRLGVESKAGGALC
ANGAVRQGDDGAALEVIEVHRVGNSKEHLPLPSEAGPTPCAPASFERKNERNAEAKRKMALARERKTVKTLGIIMGTFIL
CWLPFFIVALVLPFCESSCHMPTLLGAIINWLGYSNSLLNPVIYAYFNKDFQNAFKKIIKCKFCRQ
;
R
#
# COMPACT_ATOMS: atom_id res chain seq x y z
N SER A 6 -9.40 30.38 21.68
CA SER A 6 -9.72 30.06 20.29
C SER A 6 -10.78 28.97 20.21
N ALA A 7 -12.05 29.39 20.30
CA ALA A 7 -13.16 28.44 20.24
C ALA A 7 -13.20 27.73 18.90
N GLU A 8 -12.94 28.46 17.81
CA GLU A 8 -12.92 27.85 16.48
C GLU A 8 -11.83 26.79 16.38
N ASP A 9 -10.64 27.09 16.91
CA ASP A 9 -9.56 26.10 16.88
C ASP A 9 -9.88 24.90 17.75
N LYS A 10 -10.51 25.12 18.91
CA LYS A 10 -10.90 23.99 19.76
C LYS A 10 -11.93 23.11 19.05
N ALA A 11 -12.90 23.73 18.38
CA ALA A 11 -13.89 22.97 17.64
C ALA A 11 -13.24 22.20 16.49
N ALA A 12 -12.29 22.81 15.80
CA ALA A 12 -11.57 22.12 14.72
C ALA A 12 -10.78 20.94 15.26
N VAL A 13 -10.15 21.10 16.43
CA VAL A 13 -9.39 20.00 17.02
C VAL A 13 -10.33 18.87 17.44
N GLU A 14 -11.48 19.20 18.01
CA GLU A 14 -12.45 18.17 18.38
C GLU A 14 -12.96 17.44 17.13
N ARG A 15 -13.23 18.18 16.05
CA ARG A 15 -13.67 17.56 14.81
C ARG A 15 -12.60 16.64 14.25
N SER A 16 -11.34 17.07 14.29
CA SER A 16 -10.25 16.22 13.81
C SER A 16 -10.12 14.97 14.67
N LYS A 17 -10.28 15.10 15.98
CA LYS A 17 -10.18 13.95 16.87
C LYS A 17 -11.28 12.94 16.57
N MET A 18 -12.53 13.43 16.42
CA MET A 18 -13.62 12.50 16.14
C MET A 18 -13.51 11.88 14.76
N ILE A 19 -13.02 12.64 13.77
CA ILE A 19 -12.80 12.08 12.45
C ILE A 19 -11.72 11.01 12.48
N ASP A 20 -10.64 11.25 13.23
CA ASP A 20 -9.60 10.24 13.38
C ASP A 20 -10.14 9.00 14.07
N ARG A 21 -10.99 9.18 15.08
CA ARG A 21 -11.60 8.03 15.76
C ARG A 21 -12.46 7.22 14.78
N ASN A 22 -13.27 7.90 13.98
CA ASN A 22 -14.12 7.21 13.00
C ASN A 22 -13.26 6.48 11.97
N LEU A 23 -12.21 7.11 11.47
CA LEU A 23 -11.34 6.47 10.50
C LEU A 23 -10.67 5.24 11.10
N ARG A 24 -10.18 5.34 12.34
CA ARG A 24 -9.51 4.21 12.97
C ARG A 24 -10.48 3.06 13.20
N GLU A 25 -11.68 3.34 13.69
CA GLU A 25 -12.63 2.26 13.92
C GLU A 25 -13.08 1.62 12.61
N ASP A 26 -13.25 2.42 11.55
CA ASP A 26 -13.60 1.85 10.25
C ASP A 26 -12.47 0.98 9.72
N GLY A 27 -11.22 1.40 9.90
CA GLY A 27 -10.09 0.57 9.50
C GLY A 27 -10.04 -0.73 10.27
N GLU A 28 -10.32 -0.68 11.57
CA GLU A 28 -10.38 -1.91 12.36
C GLU A 28 -11.49 -2.83 11.87
N LYS A 29 -12.65 -2.26 11.54
CA LYS A 29 -13.74 -3.07 11.02
C LYS A 29 -13.38 -3.73 9.69
N ALA A 30 -12.74 -2.98 8.80
CA ALA A 30 -12.43 -3.50 7.46
C ALA A 30 -11.21 -4.40 7.46
N ALA A 31 -10.39 -4.37 8.50
CA ALA A 31 -9.23 -5.26 8.55
C ALA A 31 -9.64 -6.71 8.77
N ARG A 32 -10.70 -6.95 9.53
CA ARG A 32 -11.17 -8.31 9.81
C ARG A 32 -12.22 -8.76 8.80
N GLU A 33 -11.88 -8.65 7.52
CA GLU A 33 -12.73 -9.09 6.43
C GLU A 33 -11.89 -9.74 5.35
N VAL A 34 -12.35 -10.87 4.84
CA VAL A 34 -11.63 -11.60 3.80
C VAL A 34 -12.05 -11.02 2.45
N LYS A 35 -11.12 -10.34 1.78
CA LYS A 35 -11.40 -9.69 0.50
C LYS A 35 -11.17 -10.68 -0.64
N LEU A 36 -12.21 -10.91 -1.43
CA LEU A 36 -12.17 -11.85 -2.53
C LEU A 36 -12.51 -11.13 -3.83
N LEU A 37 -11.76 -11.44 -4.88
CA LEU A 37 -11.98 -10.85 -6.20
C LEU A 37 -12.49 -11.94 -7.13
N LEU A 38 -13.78 -11.87 -7.47
CA LEU A 38 -14.38 -12.84 -8.38
C LEU A 38 -14.04 -12.48 -9.81
N LEU A 39 -14.00 -13.50 -10.68
CA LEU A 39 -13.69 -13.30 -12.08
C LEU A 39 -14.44 -14.33 -12.91
N GLY A 40 -14.04 -14.48 -14.17
CA GLY A 40 -14.69 -15.35 -15.12
C GLY A 40 -14.88 -14.67 -16.45
N ALA A 41 -14.63 -15.39 -17.55
CA ALA A 41 -14.74 -14.81 -18.89
C ALA A 41 -16.19 -14.93 -19.38
N GLY A 42 -17.06 -14.21 -18.71
CA GLY A 42 -18.46 -14.12 -19.13
C GLY A 42 -19.35 -15.09 -18.36
N GLU A 43 -20.06 -15.94 -19.11
CA GLU A 43 -21.02 -16.87 -18.53
C GLU A 43 -20.33 -18.13 -18.00
N SER A 44 -19.36 -17.90 -17.10
CA SER A 44 -18.60 -18.99 -16.49
C SER A 44 -19.21 -19.48 -15.19
N GLY A 45 -20.32 -18.91 -14.75
CA GLY A 45 -20.97 -19.32 -13.53
C GLY A 45 -20.92 -18.33 -12.38
N LYS A 46 -20.65 -17.05 -12.66
CA LYS A 46 -20.60 -16.05 -11.60
C LYS A 46 -21.95 -15.94 -10.88
N ASN A 47 -23.04 -15.94 -11.65
CA ASN A 47 -24.36 -15.83 -11.06
C ASN A 47 -24.66 -17.02 -10.15
N THR A 48 -24.31 -18.23 -10.60
CA THR A 48 -24.52 -19.41 -9.78
C THR A 48 -23.70 -19.34 -8.50
N ILE A 49 -22.42 -18.95 -8.61
CA ILE A 49 -21.55 -18.87 -7.45
C ILE A 49 -22.09 -17.85 -6.45
N VAL A 50 -22.56 -16.71 -6.94
CA VAL A 50 -23.13 -15.69 -6.06
C VAL A 50 -24.40 -16.21 -5.39
N LYS A 51 -25.28 -16.86 -6.15
CA LYS A 51 -26.58 -17.26 -5.61
C LYS A 51 -26.44 -18.40 -4.61
N GLN A 52 -25.42 -19.26 -4.76
CA GLN A 52 -25.24 -20.34 -3.80
C GLN A 52 -24.51 -19.88 -2.54
N MET A 53 -23.97 -18.66 -2.52
CA MET A 53 -23.28 -18.14 -1.35
C MET A 53 -24.12 -17.07 -0.65
N THR A 182 -24.09 -1.83 -10.76
CA THR A 182 -24.01 -1.14 -12.04
C THR A 182 -22.63 -1.33 -12.68
N GLY A 183 -21.58 -1.12 -11.90
CA GLY A 183 -20.23 -1.29 -12.40
C GLY A 183 -19.41 -2.29 -11.61
N ILE A 184 -19.77 -2.48 -10.34
CA ILE A 184 -19.08 -3.44 -9.49
C ILE A 184 -20.07 -3.90 -8.43
N VAL A 185 -20.09 -5.20 -8.16
CA VAL A 185 -21.07 -5.81 -7.26
C VAL A 185 -20.33 -6.42 -6.09
N GLU A 186 -20.79 -6.13 -4.87
CA GLU A 186 -20.18 -6.65 -3.66
C GLU A 186 -21.15 -7.61 -2.97
N THR A 187 -20.67 -8.81 -2.66
CA THR A 187 -21.42 -9.80 -1.89
C THR A 187 -20.72 -9.97 -0.55
N HIS A 188 -21.40 -9.61 0.53
CA HIS A 188 -20.87 -9.65 1.88
C HIS A 188 -21.59 -10.75 2.65
N PHE A 189 -20.90 -11.87 2.89
CA PHE A 189 -21.51 -13.00 3.56
C PHE A 189 -20.58 -13.54 4.64
N THR A 190 -21.18 -13.99 5.74
CA THR A 190 -20.43 -14.54 6.86
C THR A 190 -20.67 -16.04 6.97
N PHE A 191 -19.59 -16.79 7.18
CA PHE A 191 -19.64 -18.23 7.33
C PHE A 191 -18.68 -18.63 8.43
N LYS A 192 -19.19 -19.37 9.43
CA LYS A 192 -18.39 -19.79 10.59
C LYS A 192 -17.70 -18.59 11.24
N ASP A 193 -18.44 -17.50 11.41
CA ASP A 193 -17.96 -16.27 12.03
C ASP A 193 -16.81 -15.65 11.26
N LEU A 194 -16.63 -16.02 9.99
CA LEU A 194 -15.62 -15.44 9.12
C LEU A 194 -16.30 -14.68 8.00
N HIS A 195 -15.96 -13.41 7.84
CA HIS A 195 -16.59 -12.56 6.84
C HIS A 195 -15.84 -12.64 5.51
N PHE A 196 -16.61 -12.73 4.43
CA PHE A 196 -16.08 -12.64 3.08
C PHE A 196 -16.81 -11.52 2.36
N LYS A 197 -16.03 -10.65 1.70
CA LYS A 197 -16.57 -9.62 0.83
C LYS A 197 -16.00 -9.88 -0.56
N MET A 198 -16.85 -10.28 -1.49
CA MET A 198 -16.44 -10.70 -2.82
C MET A 198 -16.90 -9.66 -3.84
N PHE A 199 -15.96 -9.18 -4.64
CA PHE A 199 -16.21 -8.12 -5.61
C PHE A 199 -16.18 -8.70 -7.01
N ASP A 200 -17.25 -8.45 -7.77
CA ASP A 200 -17.34 -8.85 -9.16
C ASP A 200 -17.35 -7.60 -10.03
N VAL A 201 -16.45 -7.57 -11.01
CA VAL A 201 -16.29 -6.43 -11.90
C VAL A 201 -16.63 -6.84 -13.32
N GLY A 202 -17.55 -7.78 -13.48
CA GLY A 202 -17.94 -8.23 -14.81
C GLY A 202 -18.59 -7.12 -15.62
N ALA A 203 -19.44 -6.31 -14.97
CA ALA A 203 -20.08 -5.20 -15.65
C ALA A 203 -19.13 -4.07 -16.01
N GLN A 204 -17.90 -4.10 -15.49
CA GLN A 204 -16.90 -3.09 -15.82
C GLN A 204 -16.13 -3.56 -17.06
N ARG A 205 -16.52 -3.04 -18.22
CA ARG A 205 -15.92 -3.41 -19.50
C ARG A 205 -15.10 -2.23 -20.00
N SER A 206 -13.78 -2.32 -19.82
CA SER A 206 -12.83 -1.26 -20.21
C SER A 206 -11.43 -1.87 -20.11
N GLU A 207 -10.42 -1.02 -20.27
CA GLU A 207 -9.04 -1.45 -20.11
C GLU A 207 -8.81 -1.86 -18.65
N ARG A 208 -8.45 -3.12 -18.43
CA ARG A 208 -8.33 -3.63 -17.08
C ARG A 208 -7.17 -3.00 -16.33
N LYS A 209 -6.03 -2.83 -17.00
CA LYS A 209 -4.80 -2.42 -16.33
C LYS A 209 -4.92 -1.03 -15.71
N LYS A 210 -5.90 -0.24 -16.13
CA LYS A 210 -6.07 1.10 -15.58
C LYS A 210 -6.80 1.10 -14.25
N TRP A 211 -7.36 -0.04 -13.83
CA TRP A 211 -7.99 -0.12 -12.52
C TRP A 211 -7.71 -1.41 -11.76
N ILE A 212 -6.99 -2.36 -12.35
CA ILE A 212 -6.78 -3.65 -11.70
C ILE A 212 -6.02 -3.48 -10.39
N HIS A 213 -5.08 -2.52 -10.35
CA HIS A 213 -4.31 -2.28 -9.13
C HIS A 213 -5.20 -1.86 -7.96
N CYS A 214 -6.42 -1.40 -8.24
CA CYS A 214 -7.34 -1.04 -7.17
C CYS A 214 -7.64 -2.24 -6.27
N PHE A 215 -7.44 -3.46 -6.77
CA PHE A 215 -7.69 -4.66 -6.00
C PHE A 215 -6.40 -5.28 -5.47
N GLU A 216 -5.28 -4.57 -5.53
CA GLU A 216 -4.06 -5.08 -4.91
C GLU A 216 -4.26 -5.16 -3.40
N GLY A 217 -3.95 -6.32 -2.84
CA GLY A 217 -4.13 -6.55 -1.42
C GLY A 217 -5.37 -7.32 -1.03
N VAL A 218 -6.16 -7.80 -2.01
CA VAL A 218 -7.27 -8.67 -1.69
C VAL A 218 -6.75 -9.99 -1.14
N THR A 219 -7.52 -10.60 -0.23
CA THR A 219 -7.08 -11.84 0.38
C THR A 219 -6.94 -12.95 -0.64
N ALA A 220 -7.91 -13.08 -1.56
CA ALA A 220 -7.82 -14.14 -2.54
C ALA A 220 -8.61 -13.77 -3.79
N ILE A 221 -8.34 -14.50 -4.86
CA ILE A 221 -9.05 -14.34 -6.12
C ILE A 221 -9.82 -15.62 -6.39
N ILE A 222 -11.12 -15.50 -6.59
CA ILE A 222 -11.99 -16.63 -6.91
C ILE A 222 -12.25 -16.57 -8.41
N PHE A 223 -11.46 -17.30 -9.18
CA PHE A 223 -11.63 -17.34 -10.62
C PHE A 223 -12.60 -18.46 -10.97
N CYS A 224 -13.63 -18.12 -11.74
CA CYS A 224 -14.68 -19.07 -12.12
C CYS A 224 -14.56 -19.40 -13.59
N VAL A 225 -14.62 -20.70 -13.91
CA VAL A 225 -14.57 -21.19 -15.28
C VAL A 225 -15.64 -22.25 -15.45
N ALA A 226 -16.43 -22.14 -16.51
CA ALA A 226 -17.45 -23.13 -16.82
C ALA A 226 -16.81 -24.24 -17.65
N LEU A 227 -16.87 -25.48 -17.14
CA LEU A 227 -16.31 -26.60 -17.88
C LEU A 227 -17.07 -26.85 -19.18
N SER A 228 -18.33 -26.45 -19.25
CA SER A 228 -19.13 -26.64 -20.44
C SER A 228 -18.70 -25.74 -21.59
N ASP A 229 -17.84 -24.77 -21.35
CA ASP A 229 -17.42 -23.81 -22.37
C ASP A 229 -16.20 -24.28 -23.16
N TYR A 230 -15.74 -25.51 -22.94
CA TYR A 230 -14.57 -25.99 -23.66
C TYR A 230 -14.85 -26.10 -25.16
N ASP A 231 -16.07 -26.47 -25.53
CA ASP A 231 -16.44 -26.60 -26.94
C ASP A 231 -17.04 -25.33 -27.50
N LEU A 232 -17.65 -24.50 -26.66
CA LEU A 232 -18.27 -23.26 -27.13
C LEU A 232 -17.22 -22.28 -27.62
N VAL A 233 -17.59 -21.51 -28.63
CA VAL A 233 -16.70 -20.49 -29.19
C VAL A 233 -17.36 -19.12 -29.11
N MET A 240 -11.23 -17.03 -29.54
CA MET A 240 -11.54 -18.43 -29.81
C MET A 240 -12.52 -19.00 -28.79
N ASN A 241 -12.13 -20.10 -28.16
CA ASN A 241 -12.98 -20.75 -27.16
C ASN A 241 -13.14 -19.87 -25.94
N ARG A 242 -14.32 -19.96 -25.31
CA ARG A 242 -14.51 -19.32 -24.01
C ARG A 242 -13.56 -19.90 -22.97
N MET A 243 -13.23 -21.19 -23.09
CA MET A 243 -12.26 -21.80 -22.19
C MET A 243 -10.89 -21.15 -22.35
N HIS A 244 -10.47 -20.91 -23.60
CA HIS A 244 -9.18 -20.28 -23.82
C HIS A 244 -9.19 -18.82 -23.40
N ALA A 245 -10.32 -18.13 -23.59
CA ALA A 245 -10.44 -16.77 -23.09
C ALA A 245 -10.32 -16.73 -21.58
N SER A 246 -10.97 -17.67 -20.89
CA SER A 246 -10.85 -17.76 -19.44
C SER A 246 -9.42 -18.05 -19.03
N MET A 247 -8.73 -18.93 -19.77
CA MET A 247 -7.34 -19.22 -19.47
C MET A 247 -6.46 -17.98 -19.63
N LYS A 248 -6.71 -17.19 -20.69
CA LYS A 248 -5.92 -15.98 -20.90
C LYS A 248 -6.15 -14.97 -19.78
N LEU A 249 -7.42 -14.76 -19.39
CA LEU A 249 -7.71 -13.84 -18.29
C LEU A 249 -7.11 -14.35 -16.99
N PHE A 250 -7.19 -15.67 -16.75
CA PHE A 250 -6.60 -16.24 -15.55
C PHE A 250 -5.10 -16.02 -15.53
N ASP A 251 -4.43 -16.25 -16.64
CA ASP A 251 -2.98 -16.02 -16.70
C ASP A 251 -2.65 -14.56 -16.44
N SER A 252 -3.40 -13.65 -17.06
CA SER A 252 -3.11 -12.23 -16.91
C SER A 252 -3.25 -11.78 -15.47
N ILE A 253 -4.32 -12.22 -14.79
CA ILE A 253 -4.53 -11.77 -13.41
C ILE A 253 -3.83 -12.64 -12.39
N CYS A 254 -3.26 -13.77 -12.80
CA CYS A 254 -2.47 -14.61 -11.91
C CYS A 254 -1.02 -14.17 -11.87
N ASN A 255 -0.40 -14.04 -13.05
CA ASN A 255 0.97 -13.56 -13.15
C ASN A 255 1.06 -12.05 -13.14
N ASN A 256 0.00 -11.38 -12.69
CA ASN A 256 -0.02 -9.93 -12.60
C ASN A 256 0.97 -9.44 -11.55
N LYS A 257 1.50 -8.23 -11.76
CA LYS A 257 2.50 -7.67 -10.86
C LYS A 257 1.89 -7.06 -9.60
N TRP A 258 0.57 -6.86 -9.57
CA TRP A 258 -0.10 -6.43 -8.34
C TRP A 258 -0.59 -7.61 -7.52
N PHE A 259 -0.51 -8.83 -8.05
CA PHE A 259 -1.03 -10.03 -7.41
C PHE A 259 0.04 -11.11 -7.37
N THR A 260 1.25 -10.73 -6.95
CA THR A 260 2.34 -11.69 -6.93
C THR A 260 2.19 -12.69 -5.79
N ASP A 261 1.72 -12.24 -4.63
CA ASP A 261 1.66 -13.09 -3.45
C ASP A 261 0.23 -13.26 -2.95
N THR A 262 -0.70 -13.51 -3.85
CA THR A 262 -2.09 -13.79 -3.48
C THR A 262 -2.52 -15.10 -4.11
N SER A 263 -3.42 -15.79 -3.43
CA SER A 263 -3.86 -17.12 -3.82
C SER A 263 -5.14 -17.05 -4.64
N ILE A 264 -5.31 -18.02 -5.54
CA ILE A 264 -6.44 -18.09 -6.45
C ILE A 264 -7.26 -19.31 -6.11
N ILE A 265 -8.54 -19.11 -5.81
CA ILE A 265 -9.47 -20.20 -5.52
C ILE A 265 -10.25 -20.44 -6.80
N LEU A 266 -9.75 -21.36 -7.62
CA LEU A 266 -10.34 -21.61 -8.93
C LEU A 266 -11.54 -22.55 -8.82
N PHE A 267 -12.64 -22.16 -9.46
CA PHE A 267 -13.83 -22.98 -9.55
C PHE A 267 -13.99 -23.50 -10.98
N LEU A 268 -14.54 -24.69 -11.11
CA LEU A 268 -14.82 -25.30 -12.41
C LEU A 268 -16.26 -25.81 -12.39
N ASN A 269 -17.17 -25.00 -12.92
CA ASN A 269 -18.60 -25.20 -12.78
C ASN A 269 -19.15 -26.14 -13.86
N LYS A 270 -20.38 -26.60 -13.64
CA LYS A 270 -21.17 -27.36 -14.60
C LYS A 270 -20.49 -28.68 -14.96
N LYS A 271 -20.28 -29.52 -13.93
CA LYS A 271 -19.68 -30.82 -14.16
C LYS A 271 -20.63 -31.76 -14.90
N ASP A 272 -21.92 -31.71 -14.56
CA ASP A 272 -22.88 -32.57 -15.25
C ASP A 272 -23.03 -32.17 -16.71
N LEU A 273 -23.12 -30.87 -16.98
CA LEU A 273 -23.18 -30.40 -18.36
C LEU A 273 -21.89 -30.73 -19.09
N PHE A 274 -20.75 -30.68 -18.40
CA PHE A 274 -19.49 -31.10 -18.99
C PHE A 274 -19.51 -32.58 -19.37
N GLU A 275 -20.09 -33.41 -18.50
CA GLU A 275 -20.21 -34.83 -18.80
C GLU A 275 -21.09 -35.07 -20.02
N GLU A 276 -22.23 -34.37 -20.09
CA GLU A 276 -23.08 -34.50 -21.26
C GLU A 276 -22.36 -34.07 -22.53
N LYS A 277 -21.63 -32.95 -22.46
CA LYS A 277 -20.94 -32.45 -23.64
C LYS A 277 -19.78 -33.35 -24.06
N ILE A 278 -19.10 -33.99 -23.11
CA ILE A 278 -18.01 -34.88 -23.50
C ILE A 278 -18.55 -36.21 -24.00
N LYS A 279 -19.74 -36.62 -23.55
CA LYS A 279 -20.38 -37.78 -24.15
C LYS A 279 -20.83 -37.48 -25.57
N LYS A 280 -21.29 -36.25 -25.82
CA LYS A 280 -21.75 -35.88 -27.16
C LYS A 280 -20.62 -35.50 -28.12
N SER A 281 -19.47 -35.08 -27.62
CA SER A 281 -18.38 -34.60 -28.45
C SER A 281 -17.09 -34.66 -27.65
N PRO A 282 -15.96 -34.98 -28.28
CA PRO A 282 -14.72 -35.13 -27.53
C PRO A 282 -14.18 -33.79 -27.02
N LEU A 283 -13.31 -33.89 -26.01
CA LEU A 283 -12.63 -32.74 -25.45
C LEU A 283 -11.53 -32.19 -26.34
N THR A 284 -11.10 -32.97 -27.34
CA THR A 284 -9.94 -32.58 -28.16
C THR A 284 -10.17 -31.28 -28.90
N ILE A 285 -11.42 -30.83 -29.03
CA ILE A 285 -11.68 -29.54 -29.65
C ILE A 285 -11.01 -28.43 -28.85
N CYS A 286 -11.15 -28.47 -27.52
CA CYS A 286 -10.55 -27.43 -26.69
C CYS A 286 -9.03 -27.60 -26.63
N TYR A 287 -8.56 -28.82 -26.40
CA TYR A 287 -7.13 -29.13 -26.32
C TYR A 287 -6.78 -30.14 -27.42
N PRO A 288 -6.18 -29.68 -28.53
CA PRO A 288 -5.84 -30.63 -29.59
C PRO A 288 -4.86 -31.71 -29.17
N GLU A 289 -3.94 -31.41 -28.26
CA GLU A 289 -2.95 -32.38 -27.80
C GLU A 289 -3.49 -33.12 -26.57
N TYR A 290 -4.49 -33.96 -26.82
CA TYR A 290 -5.11 -34.76 -25.78
C TYR A 290 -5.38 -36.16 -26.31
N ALA A 291 -5.16 -37.17 -25.46
CA ALA A 291 -5.33 -38.55 -25.87
C ALA A 291 -6.14 -39.37 -24.88
N GLY A 292 -6.76 -38.74 -23.87
CA GLY A 292 -7.56 -39.47 -22.90
C GLY A 292 -8.96 -39.76 -23.42
N SER A 293 -9.73 -40.44 -22.57
CA SER A 293 -11.09 -40.82 -22.90
C SER A 293 -12.07 -39.70 -22.56
N ASN A 294 -13.28 -39.81 -23.08
CA ASN A 294 -14.33 -38.82 -22.85
C ASN A 294 -15.12 -39.16 -21.58
N THR A 295 -14.40 -39.19 -20.46
CA THR A 295 -14.96 -39.48 -19.16
C THR A 295 -14.73 -38.31 -18.22
N TYR A 296 -15.37 -38.37 -17.06
CA TYR A 296 -15.23 -37.29 -16.07
C TYR A 296 -13.80 -37.18 -15.59
N GLU A 297 -13.22 -38.29 -15.14
CA GLU A 297 -11.95 -38.28 -14.43
C GLU A 297 -10.83 -37.69 -15.26
N GLU A 298 -10.52 -38.31 -16.40
CA GLU A 298 -9.37 -37.90 -17.20
C GLU A 298 -9.55 -36.48 -17.73
N ALA A 299 -10.75 -36.16 -18.24
CA ALA A 299 -10.96 -34.85 -18.84
C ALA A 299 -10.89 -33.74 -17.79
N ALA A 300 -11.57 -33.92 -16.66
CA ALA A 300 -11.55 -32.91 -15.61
C ALA A 300 -10.15 -32.76 -15.02
N ALA A 301 -9.42 -33.88 -14.86
CA ALA A 301 -8.05 -33.79 -14.36
C ALA A 301 -7.16 -33.04 -15.34
N TYR A 302 -7.32 -33.28 -16.63
CA TYR A 302 -6.52 -32.56 -17.62
C TYR A 302 -6.84 -31.06 -17.61
N ILE A 303 -8.12 -30.71 -17.49
CA ILE A 303 -8.50 -29.30 -17.43
C ILE A 303 -7.90 -28.66 -16.20
N GLN A 304 -7.98 -29.33 -15.05
CA GLN A 304 -7.41 -28.80 -13.83
C GLN A 304 -5.90 -28.61 -13.95
N CYS A 305 -5.22 -29.59 -14.54
CA CYS A 305 -3.77 -29.49 -14.70
C CYS A 305 -3.41 -28.33 -15.64
N GLN A 306 -4.16 -28.16 -16.72
CA GLN A 306 -3.90 -27.06 -17.64
C GLN A 306 -4.10 -25.72 -16.96
N PHE A 307 -5.11 -25.60 -16.09
CA PHE A 307 -5.33 -24.34 -15.39
C PHE A 307 -4.30 -24.12 -14.30
N GLU A 308 -3.77 -25.19 -13.69
CA GLU A 308 -2.73 -25.01 -12.69
C GLU A 308 -1.39 -24.63 -13.34
N ASP A 309 -1.12 -25.13 -14.54
CA ASP A 309 0.16 -24.87 -15.19
C ASP A 309 0.36 -23.39 -15.49
N LEU A 310 -0.74 -22.63 -15.64
CA LEU A 310 -0.62 -21.20 -15.92
C LEU A 310 0.01 -20.44 -14.76
N ASN A 311 -0.02 -21.00 -13.54
CA ASN A 311 0.58 -20.32 -12.40
C ASN A 311 2.10 -20.30 -12.55
N LYS A 312 2.69 -19.13 -12.30
CA LYS A 312 4.13 -18.96 -12.33
C LYS A 312 4.73 -18.56 -10.99
N ARG A 313 3.91 -18.06 -10.06
CA ARG A 313 4.40 -17.68 -8.73
C ARG A 313 4.21 -18.84 -7.75
N LYS A 314 4.82 -19.97 -8.10
CA LYS A 314 4.73 -21.17 -7.27
C LYS A 314 5.35 -21.00 -5.90
N ASP A 315 6.23 -19.99 -5.75
CA ASP A 315 6.90 -19.78 -4.47
C ASP A 315 5.99 -19.18 -3.42
N THR A 316 5.03 -18.35 -3.83
CA THR A 316 4.22 -17.62 -2.85
C THR A 316 2.73 -17.63 -3.14
N LYS A 317 2.25 -18.47 -4.05
CA LYS A 317 0.81 -18.60 -4.25
C LYS A 317 0.49 -20.03 -4.68
N GLU A 318 -0.72 -20.46 -4.36
CA GLU A 318 -1.20 -21.78 -4.72
C GLU A 318 -2.66 -21.71 -5.13
N ILE A 319 -3.04 -22.58 -6.06
CA ILE A 319 -4.39 -22.59 -6.62
C ILE A 319 -5.20 -23.71 -5.98
N TYR A 320 -6.43 -23.41 -5.60
CA TYR A 320 -7.33 -24.37 -4.98
C TYR A 320 -8.45 -24.69 -5.97
N THR A 321 -8.19 -25.67 -6.84
CA THR A 321 -9.17 -26.07 -7.84
C THR A 321 -10.28 -26.89 -7.19
N HIS A 322 -11.52 -26.62 -7.60
CA HIS A 322 -12.67 -27.38 -7.17
C HIS A 322 -13.59 -27.58 -8.36
N PHE A 323 -14.42 -28.61 -8.27
CA PHE A 323 -15.41 -28.91 -9.31
C PHE A 323 -16.80 -28.72 -8.71
N THR A 324 -17.59 -27.87 -9.35
CA THR A 324 -18.87 -27.42 -8.81
C THR A 324 -19.99 -27.74 -9.80
N CYS A 325 -21.13 -28.16 -9.26
CA CYS A 325 -22.34 -28.34 -10.04
C CYS A 325 -23.42 -27.40 -9.51
N SER A 326 -24.64 -27.54 -10.03
CA SER A 326 -25.77 -26.78 -9.52
C SER A 326 -26.27 -27.31 -8.19
N THR A 327 -25.79 -28.48 -7.74
CA THR A 327 -26.23 -29.10 -6.50
C THR A 327 -25.10 -29.28 -5.50
N ASP A 328 -23.91 -28.76 -5.77
CA ASP A 328 -22.79 -28.91 -4.86
C ASP A 328 -22.89 -27.84 -3.78
N THR A 329 -23.13 -28.26 -2.55
CA THR A 329 -23.30 -27.37 -1.41
C THR A 329 -22.02 -27.20 -0.60
N LYS A 330 -20.89 -27.73 -1.07
CA LYS A 330 -19.63 -27.66 -0.38
C LYS A 330 -18.73 -26.55 -0.89
N ASN A 331 -19.26 -25.65 -1.73
CA ASN A 331 -18.43 -24.59 -2.31
C ASN A 331 -18.01 -23.57 -1.28
N VAL A 332 -18.94 -23.14 -0.42
CA VAL A 332 -18.58 -22.20 0.64
C VAL A 332 -17.64 -22.86 1.64
N GLN A 333 -17.83 -24.14 1.90
CA GLN A 333 -16.88 -24.87 2.75
C GLN A 333 -15.49 -24.88 2.13
N PHE A 334 -15.40 -25.13 0.82
CA PHE A 334 -14.10 -25.15 0.15
C PHE A 334 -13.44 -23.78 0.17
N VAL A 335 -14.22 -22.72 -0.06
CA VAL A 335 -13.63 -21.38 -0.03
C VAL A 335 -13.18 -21.03 1.39
N PHE A 336 -13.93 -21.47 2.40
CA PHE A 336 -13.51 -21.26 3.78
C PHE A 336 -12.21 -21.99 4.08
N ASP A 337 -12.10 -23.24 3.61
CA ASP A 337 -10.87 -23.99 3.80
C ASP A 337 -9.69 -23.30 3.13
N ALA A 338 -9.89 -22.82 1.90
CA ALA A 338 -8.80 -22.14 1.18
C ALA A 338 -8.39 -20.86 1.89
N VAL A 339 -9.36 -20.08 2.36
CA VAL A 339 -9.05 -18.82 3.04
C VAL A 339 -8.28 -19.08 4.32
N THR A 340 -8.74 -20.05 5.11
CA THR A 340 -8.02 -20.38 6.34
C THR A 340 -6.62 -20.88 6.03
N ASP A 341 -6.47 -21.68 4.98
CA ASP A 341 -5.16 -22.19 4.62
C ASP A 341 -4.21 -21.06 4.22
N VAL A 342 -4.68 -20.11 3.43
CA VAL A 342 -3.80 -19.03 2.99
C VAL A 342 -3.45 -18.12 4.16
N ILE A 343 -4.38 -17.89 5.07
CA ILE A 343 -4.07 -17.12 6.28
C ILE A 343 -3.02 -17.84 7.12
N ILE A 344 -3.15 -19.15 7.27
CA ILE A 344 -2.18 -19.93 8.03
C ILE A 344 -0.81 -19.87 7.38
N LYS A 345 -0.75 -20.02 6.05
CA LYS A 345 0.53 -19.95 5.36
C LYS A 345 1.15 -18.56 5.52
N ASN A 346 0.34 -17.50 5.46
CA ASN A 346 0.86 -16.16 5.67
C ASN A 346 1.46 -16.00 7.07
N ASN A 347 0.76 -16.51 8.08
CA ASN A 347 1.30 -16.45 9.44
C ASN A 347 2.60 -17.23 9.56
N LEU A 348 2.65 -18.41 8.93
CA LEU A 348 3.88 -19.21 8.94
C LEU A 348 5.03 -18.46 8.29
N LYS A 349 4.77 -17.76 7.18
CA LYS A 349 5.81 -16.97 6.55
C LYS A 349 6.24 -15.81 7.45
N ASP A 350 5.28 -15.17 8.11
CA ASP A 350 5.60 -14.03 8.97
C ASP A 350 6.48 -14.44 10.14
N CYS A 351 6.21 -15.62 10.72
CA CYS A 351 7.03 -16.08 11.83
C CYS A 351 8.32 -16.76 11.37
N GLY A 352 8.54 -16.87 10.05
CA GLY A 352 9.76 -17.47 9.55
C GLY A 352 9.73 -18.98 9.44
N LEU A 353 8.55 -19.59 9.44
CA LEU A 353 8.42 -21.04 9.39
C LEU A 353 7.80 -21.53 8.09
N PHE A 354 8.01 -20.80 7.00
CA PHE A 354 7.48 -21.21 5.70
C PHE A 354 8.22 -20.50 4.57
N GLU B 22 -11.10 10.56 -47.51
CA GLU B 22 -12.11 10.82 -46.49
C GLU B 22 -11.46 11.52 -45.29
N ALA B 23 -11.55 10.89 -44.12
CA ALA B 23 -10.93 11.46 -42.92
C ALA B 23 -9.42 11.30 -42.96
N GLU B 24 -8.93 10.13 -43.39
CA GLU B 24 -7.49 9.90 -43.45
C GLU B 24 -6.84 10.83 -44.46
N GLN B 25 -7.50 11.09 -45.58
CA GLN B 25 -6.96 12.04 -46.55
C GLN B 25 -7.03 13.46 -46.02
N LEU B 26 -8.10 13.81 -45.30
CA LEU B 26 -8.23 15.15 -44.75
C LEU B 26 -7.19 15.41 -43.68
N LYS B 27 -6.75 14.37 -42.97
CA LYS B 27 -5.70 14.55 -41.96
C LYS B 27 -4.36 14.92 -42.58
N ASN B 28 -4.18 14.68 -43.88
CA ASN B 28 -2.90 14.96 -44.52
C ASN B 28 -2.56 16.44 -44.50
N GLN B 29 -3.54 17.30 -44.82
CA GLN B 29 -3.27 18.73 -44.82
C GLN B 29 -2.99 19.25 -43.42
N ILE B 30 -3.69 18.71 -42.42
CA ILE B 30 -3.42 19.09 -41.03
C ILE B 30 -2.00 18.69 -40.64
N ARG B 31 -1.60 17.46 -41.01
CA ARG B 31 -0.24 17.00 -40.70
C ARG B 31 0.80 17.88 -41.40
N ASP B 32 0.55 18.25 -42.65
CA ASP B 32 1.48 19.13 -43.35
C ASP B 32 1.57 20.50 -42.68
N ALA B 33 0.42 21.05 -42.27
CA ALA B 33 0.42 22.34 -41.60
C ALA B 33 1.12 22.27 -40.25
N ARG B 34 1.12 21.09 -39.61
CA ARG B 34 1.78 20.95 -38.32
C ARG B 34 3.26 21.35 -38.41
N LYS B 35 3.92 21.03 -39.52
CA LYS B 35 5.31 21.41 -39.71
C LYS B 35 5.48 22.66 -40.57
N ALA B 36 4.48 23.00 -41.40
CA ALA B 36 4.59 24.21 -42.20
C ALA B 36 4.44 25.47 -41.35
N CYS B 37 3.51 25.44 -40.39
CA CYS B 37 3.27 26.62 -39.56
C CYS B 37 4.36 26.84 -38.53
N ALA B 38 5.15 25.81 -38.21
CA ALA B 38 6.20 25.92 -37.19
C ALA B 38 7.57 26.12 -37.80
N ASP B 39 8.02 25.18 -38.64
CA ASP B 39 9.32 25.18 -39.30
C ASP B 39 10.46 25.59 -38.37
N ALA B 40 10.34 25.26 -37.09
CA ALA B 40 11.33 25.62 -36.08
C ALA B 40 10.99 24.86 -34.80
N THR B 41 11.75 25.13 -33.75
CA THR B 41 11.51 24.56 -32.43
C THR B 41 11.48 25.67 -31.39
N LEU B 42 10.75 25.44 -30.31
CA LEU B 42 10.59 26.45 -29.27
C LEU B 42 11.89 26.74 -28.53
N SER B 43 12.84 25.80 -28.54
CA SER B 43 14.09 26.00 -27.81
C SER B 43 14.88 27.17 -28.39
N GLN B 44 14.89 27.30 -29.72
CA GLN B 44 15.60 28.41 -30.35
C GLN B 44 15.06 29.75 -29.90
N ILE B 45 13.73 29.88 -29.83
CA ILE B 45 13.13 31.14 -29.40
C ILE B 45 13.37 31.37 -27.92
N THR B 46 13.27 30.32 -27.11
CA THR B 46 13.31 30.47 -25.66
C THR B 46 14.71 30.38 -25.07
N ASN B 47 15.74 30.24 -25.90
CA ASN B 47 17.11 30.10 -25.42
C ASN B 47 17.80 31.46 -25.22
N ASN B 48 17.03 32.53 -25.00
CA ASN B 48 17.61 33.86 -24.84
C ASN B 48 17.22 34.50 -23.50
N ILE B 49 16.81 33.69 -22.52
CA ILE B 49 16.40 34.20 -21.22
C ILE B 49 17.21 33.51 -20.13
N ASP B 50 17.39 34.20 -19.02
CA ASP B 50 18.15 33.65 -17.91
C ASP B 50 17.28 32.71 -17.09
N PRO B 51 17.74 31.49 -16.81
CA PRO B 51 16.94 30.58 -15.98
C PRO B 51 16.73 31.13 -14.58
N VAL B 52 15.54 30.84 -14.04
CA VAL B 52 15.23 31.30 -12.69
C VAL B 52 16.01 30.49 -11.66
N GLY B 53 16.20 31.08 -10.48
CA GLY B 53 16.96 30.41 -9.44
C GLY B 53 16.31 29.11 -9.02
N ARG B 54 17.15 28.10 -8.78
CA ARG B 54 16.64 26.79 -8.39
C ARG B 54 15.99 26.85 -7.01
N ILE B 55 14.85 26.17 -6.89
CA ILE B 55 14.04 26.21 -5.68
C ILE B 55 14.12 24.84 -5.00
N GLN B 56 14.40 24.84 -3.71
CA GLN B 56 14.40 23.63 -2.89
C GLN B 56 13.16 23.68 -2.00
N MET B 57 12.04 23.18 -2.53
CA MET B 57 10.80 23.18 -1.77
C MET B 57 10.88 22.20 -0.60
N ARG B 58 10.36 22.64 0.54
CA ARG B 58 10.39 21.86 1.77
C ARG B 58 8.98 21.44 2.16
N THR B 59 8.85 20.25 2.73
CA THR B 59 7.54 19.73 3.11
C THR B 59 7.01 20.50 4.30
N ARG B 60 6.23 21.56 4.05
CA ARG B 60 5.75 22.41 5.13
C ARG B 60 4.77 21.67 6.03
N ARG B 61 3.77 21.03 5.43
CA ARG B 61 2.75 20.31 6.19
C ARG B 61 2.65 18.88 5.66
N THR B 62 2.19 17.98 6.54
CA THR B 62 1.96 16.59 6.17
C THR B 62 0.62 16.15 6.73
N LEU B 63 -0.27 15.71 5.85
CA LEU B 63 -1.63 15.33 6.21
C LEU B 63 -1.72 13.82 6.26
N ARG B 64 -2.19 13.31 7.40
CA ARG B 64 -2.34 11.88 7.64
C ARG B 64 -3.77 11.61 8.11
N GLY B 65 -4.21 10.37 7.95
CA GLY B 65 -5.54 10.00 8.37
C GLY B 65 -6.22 8.99 7.48
N HIS B 66 -5.74 8.86 6.25
CA HIS B 66 -6.24 7.84 5.33
C HIS B 66 -5.48 6.53 5.56
N LEU B 67 -6.15 5.42 5.26
CA LEU B 67 -5.62 4.10 5.55
C LEU B 67 -5.29 3.28 4.32
N ALA B 68 -5.66 3.76 3.12
CA ALA B 68 -5.35 3.05 1.89
C ALA B 68 -4.66 3.98 0.91
N LYS B 69 -4.47 3.53 -0.33
CA LYS B 69 -3.83 4.37 -1.34
C LYS B 69 -4.72 5.56 -1.67
N ILE B 70 -4.09 6.71 -1.87
CA ILE B 70 -4.78 7.92 -2.29
C ILE B 70 -4.82 7.96 -3.81
N TYR B 71 -5.98 8.28 -4.37
CA TYR B 71 -6.12 8.27 -5.82
C TYR B 71 -6.36 9.63 -6.45
N ALA B 72 -6.83 10.61 -5.69
CA ALA B 72 -7.01 11.94 -6.25
C ALA B 72 -7.05 12.96 -5.12
N MET B 73 -6.80 14.22 -5.49
CA MET B 73 -6.98 15.36 -4.60
C MET B 73 -7.26 16.57 -5.46
N HIS B 74 -7.80 17.62 -4.82
CA HIS B 74 -8.13 18.83 -5.56
C HIS B 74 -8.14 20.01 -4.60
N TRP B 75 -7.31 21.00 -4.87
CA TRP B 75 -7.27 22.20 -4.05
C TRP B 75 -8.56 22.98 -4.19
N GLY B 76 -9.01 23.58 -3.08
CA GLY B 76 -10.12 24.50 -3.14
C GLY B 76 -9.69 25.87 -3.63
N THR B 77 -10.66 26.63 -4.12
CA THR B 77 -10.37 27.97 -4.62
C THR B 77 -9.92 28.92 -3.52
N ASP B 78 -10.13 28.58 -2.25
CA ASP B 78 -9.65 29.41 -1.16
C ASP B 78 -8.17 29.21 -0.88
N SER B 79 -7.53 28.26 -1.58
CA SER B 79 -6.11 27.91 -1.46
C SER B 79 -5.79 27.21 -0.15
N ARG B 80 -6.77 26.97 0.71
CA ARG B 80 -6.55 26.38 2.03
C ARG B 80 -7.10 24.97 2.15
N LEU B 81 -8.37 24.76 1.82
CA LEU B 81 -8.96 23.45 1.91
C LEU B 81 -8.56 22.57 0.73
N LEU B 82 -8.64 21.26 0.92
CA LEU B 82 -8.39 20.31 -0.15
C LEU B 82 -9.08 19.00 0.17
N VAL B 83 -9.62 18.36 -0.86
CA VAL B 83 -10.29 17.08 -0.72
C VAL B 83 -9.31 15.98 -1.16
N SER B 84 -9.56 14.76 -0.68
CA SER B 84 -8.70 13.63 -1.00
C SER B 84 -9.53 12.35 -0.98
N ALA B 85 -9.31 11.50 -1.97
CA ALA B 85 -10.08 10.27 -2.14
C ALA B 85 -9.17 9.07 -1.90
N SER B 86 -9.64 8.13 -1.07
CA SER B 86 -8.86 6.94 -0.76
C SER B 86 -9.67 5.69 -1.03
N GLN B 87 -8.96 4.61 -1.39
CA GLN B 87 -9.59 3.33 -1.68
C GLN B 87 -10.21 2.67 -0.46
N ASP B 88 -9.95 3.19 0.75
CA ASP B 88 -10.61 2.68 1.94
C ASP B 88 -12.11 2.95 1.94
N GLY B 89 -12.59 3.81 1.05
CA GLY B 89 -13.97 4.22 1.05
C GLY B 89 -14.22 5.59 1.63
N LYS B 90 -13.20 6.44 1.69
CA LYS B 90 -13.30 7.74 2.35
C LYS B 90 -12.94 8.87 1.40
N LEU B 91 -13.62 9.99 1.59
CA LEU B 91 -13.36 11.25 0.89
C LEU B 91 -13.18 12.30 1.97
N ILE B 92 -11.94 12.61 2.29
CA ILE B 92 -11.62 13.50 3.41
C ILE B 92 -11.42 14.92 2.90
N ILE B 93 -11.75 15.89 3.74
CA ILE B 93 -11.58 17.31 3.43
C ILE B 93 -10.76 17.92 4.55
N TRP B 94 -9.60 18.50 4.20
CA TRP B 94 -8.64 19.01 5.15
C TRP B 94 -8.74 20.52 5.31
N ASP B 95 -7.80 21.09 6.06
CA ASP B 95 -7.51 22.52 6.09
C ASP B 95 -6.00 22.60 6.22
N SER B 96 -5.32 22.72 5.07
CA SER B 96 -3.88 22.51 5.02
C SER B 96 -3.10 23.53 5.84
N TYR B 97 -3.67 24.72 6.05
CA TYR B 97 -2.97 25.73 6.82
C TYR B 97 -2.83 25.32 8.29
N THR B 98 -3.78 24.57 8.82
CA THR B 98 -3.74 24.13 10.20
C THR B 98 -3.70 22.61 10.35
N THR B 99 -3.67 21.86 9.25
CA THR B 99 -3.51 20.41 9.20
C THR B 99 -4.69 19.65 9.79
N ASN B 100 -5.72 20.34 10.29
CA ASN B 100 -6.84 19.67 10.94
C ASN B 100 -7.91 19.27 9.93
N LYS B 101 -8.57 18.15 10.22
CA LYS B 101 -9.61 17.64 9.35
C LYS B 101 -10.84 18.56 9.40
N VAL B 102 -11.60 18.56 8.30
CA VAL B 102 -12.83 19.34 8.25
C VAL B 102 -14.00 18.44 7.89
N HIS B 103 -13.73 17.36 7.15
CA HIS B 103 -14.80 16.45 6.74
C HIS B 103 -14.22 15.08 6.45
N ALA B 104 -15.08 14.06 6.54
CA ALA B 104 -14.73 12.70 6.13
C ALA B 104 -16.00 12.01 5.65
N ILE B 105 -16.22 12.06 4.34
CA ILE B 105 -17.44 11.54 3.73
C ILE B 105 -17.24 10.05 3.47
N PRO B 106 -18.09 9.18 4.02
CA PRO B 106 -18.08 7.77 3.59
C PRO B 106 -18.69 7.62 2.21
N LEU B 107 -18.36 6.51 1.55
CA LEU B 107 -18.76 6.27 0.18
C LEU B 107 -19.62 5.02 0.08
N ARG B 108 -20.54 5.04 -0.89
CA ARG B 108 -21.28 3.82 -1.21
C ARG B 108 -20.35 2.75 -1.77
N SER B 109 -19.44 3.13 -2.65
CA SER B 109 -18.42 2.24 -3.20
C SER B 109 -17.06 2.73 -2.75
N SER B 110 -16.24 1.82 -2.24
CA SER B 110 -14.90 2.17 -1.79
C SER B 110 -13.90 2.22 -2.94
N TRP B 111 -14.32 1.94 -4.16
CA TRP B 111 -13.41 1.89 -5.31
C TRP B 111 -13.43 3.22 -6.06
N VAL B 112 -13.04 4.27 -5.33
CA VAL B 112 -13.00 5.63 -5.86
C VAL B 112 -11.62 5.90 -6.44
N MET B 113 -11.60 6.51 -7.63
CA MET B 113 -10.35 6.83 -8.30
C MET B 113 -10.29 8.26 -8.80
N THR B 114 -11.25 9.10 -8.44
CA THR B 114 -11.19 10.51 -8.79
C THR B 114 -11.97 11.31 -7.76
N CYS B 115 -11.66 12.61 -7.68
CA CYS B 115 -12.41 13.54 -6.85
C CYS B 115 -12.22 14.93 -7.43
N ALA B 116 -13.12 15.84 -7.04
CA ALA B 116 -13.06 17.20 -7.52
C ALA B 116 -13.63 18.13 -6.46
N TYR B 117 -13.16 19.37 -6.49
CA TYR B 117 -13.65 20.42 -5.61
C TYR B 117 -14.42 21.43 -6.46
N ALA B 118 -15.52 21.93 -5.92
CA ALA B 118 -16.25 22.97 -6.61
C ALA B 118 -15.48 24.28 -6.54
N PRO B 119 -15.49 25.09 -7.60
CA PRO B 119 -14.90 26.42 -7.50
C PRO B 119 -15.55 27.27 -6.43
N SER B 120 -16.85 27.06 -6.18
CA SER B 120 -17.51 27.73 -5.06
C SER B 120 -17.11 27.12 -3.74
N GLY B 121 -16.69 25.85 -3.75
CA GLY B 121 -16.35 25.15 -2.53
C GLY B 121 -17.52 24.52 -1.80
N ASN B 122 -18.75 24.69 -2.32
CA ASN B 122 -19.94 24.14 -1.68
C ASN B 122 -20.24 22.71 -2.11
N TYR B 123 -19.52 22.18 -3.10
CA TYR B 123 -19.75 20.83 -3.59
C TYR B 123 -18.43 20.11 -3.78
N VAL B 124 -18.47 18.79 -3.67
CA VAL B 124 -17.32 17.94 -3.92
C VAL B 124 -17.78 16.72 -4.70
N ALA B 125 -17.10 16.40 -5.79
CA ALA B 125 -17.44 15.24 -6.60
C ALA B 125 -16.49 14.08 -6.32
N CYS B 126 -16.97 12.88 -6.59
CA CYS B 126 -16.13 11.69 -6.55
C CYS B 126 -16.69 10.66 -7.50
N GLY B 127 -15.93 9.59 -7.72
CA GLY B 127 -16.37 8.53 -8.60
C GLY B 127 -15.29 7.49 -8.73
N GLY B 128 -15.68 6.36 -9.33
CA GLY B 128 -14.73 5.27 -9.49
C GLY B 128 -15.27 4.11 -10.30
N LEU B 129 -14.98 2.89 -9.84
CA LEU B 129 -15.39 1.68 -10.55
C LEU B 129 -16.89 1.49 -10.58
N ASP B 130 -17.65 2.23 -9.77
CA ASP B 130 -19.10 2.11 -9.74
C ASP B 130 -19.78 2.75 -10.94
N ASN B 131 -19.02 3.44 -11.81
CA ASN B 131 -19.55 4.06 -13.02
C ASN B 131 -20.63 5.09 -12.70
N ILE B 132 -20.41 5.87 -11.65
CA ILE B 132 -21.37 6.90 -11.25
C ILE B 132 -20.62 8.02 -10.55
N CYS B 133 -20.86 9.25 -10.97
CA CYS B 133 -20.26 10.42 -10.35
C CYS B 133 -21.17 10.89 -9.22
N SER B 134 -20.66 10.84 -7.99
CA SER B 134 -21.41 11.21 -6.80
C SER B 134 -21.05 12.64 -6.42
N ILE B 135 -22.07 13.48 -6.30
CA ILE B 135 -21.92 14.88 -5.91
C ILE B 135 -22.35 15.01 -4.46
N TYR B 136 -21.50 15.58 -3.63
CA TYR B 136 -21.76 15.77 -2.21
C TYR B 136 -21.82 17.26 -1.91
N ASN B 137 -22.93 17.69 -1.32
CA ASN B 137 -23.10 19.08 -0.92
C ASN B 137 -22.36 19.33 0.39
N LEU B 138 -21.93 20.58 0.58
CA LEU B 138 -21.20 20.96 1.78
C LEU B 138 -21.81 22.12 2.54
N LYS B 139 -22.82 22.79 2.00
CA LYS B 139 -23.48 23.88 2.71
C LYS B 139 -24.72 23.36 3.47
N THR B 140 -24.47 22.33 4.28
CA THR B 140 -25.52 21.70 5.08
C THR B 140 -25.43 22.22 6.51
N ARG B 141 -26.56 22.72 7.02
CA ARG B 141 -26.58 23.26 8.37
C ARG B 141 -26.37 22.18 9.41
N GLU B 142 -26.91 20.98 9.17
CA GLU B 142 -26.87 19.91 10.16
C GLU B 142 -25.46 19.32 10.34
N GLY B 143 -24.51 19.69 9.49
CA GLY B 143 -23.11 19.35 9.71
C GLY B 143 -22.63 18.07 9.06
N ASN B 144 -23.52 17.27 8.48
CA ASN B 144 -23.12 16.05 7.80
C ASN B 144 -23.17 16.25 6.29
N VAL B 145 -22.92 15.17 5.56
CA VAL B 145 -22.84 15.20 4.11
C VAL B 145 -23.84 14.22 3.54
N ARG B 146 -24.65 14.68 2.58
CA ARG B 146 -25.59 13.85 1.86
C ARG B 146 -25.40 14.02 0.36
N VAL B 147 -25.59 12.93 -0.38
CA VAL B 147 -25.42 12.96 -1.82
C VAL B 147 -26.54 13.79 -2.43
N SER B 148 -26.15 14.88 -3.11
CA SER B 148 -27.14 15.74 -3.75
C SER B 148 -27.67 15.12 -5.04
N ARG B 149 -26.81 14.45 -5.80
CA ARG B 149 -27.24 13.84 -7.05
C ARG B 149 -26.33 12.68 -7.40
N GLU B 150 -26.88 11.71 -8.10
CA GLU B 150 -26.14 10.55 -8.60
C GLU B 150 -26.21 10.56 -10.13
N LEU B 151 -25.05 10.40 -10.76
CA LEU B 151 -24.94 10.48 -12.22
C LEU B 151 -24.32 9.18 -12.73
N ALA B 152 -25.16 8.22 -13.08
CA ALA B 152 -24.74 6.87 -13.46
C ALA B 152 -25.04 6.58 -14.92
N GLY B 153 -24.84 7.57 -15.79
CA GLY B 153 -25.03 7.36 -17.22
C GLY B 153 -23.84 6.79 -17.95
N HIS B 154 -22.70 6.67 -17.29
CA HIS B 154 -21.51 6.10 -17.90
C HIS B 154 -21.50 4.59 -17.73
N THR B 155 -20.97 3.89 -18.72
CA THR B 155 -20.80 2.44 -18.67
C THR B 155 -19.39 2.04 -18.30
N GLY B 156 -18.54 2.99 -17.89
CA GLY B 156 -17.20 2.69 -17.46
C GLY B 156 -16.85 3.46 -16.20
N TYR B 157 -15.70 3.11 -15.64
CA TYR B 157 -15.23 3.76 -14.42
C TYR B 157 -15.04 5.26 -14.64
N LEU B 158 -15.53 6.05 -13.69
CA LEU B 158 -15.42 7.51 -13.78
C LEU B 158 -13.98 7.90 -13.46
N SER B 159 -13.19 8.12 -14.50
CA SER B 159 -11.78 8.43 -14.30
C SER B 159 -11.56 9.84 -13.76
N CYS B 160 -12.33 10.80 -14.25
CA CYS B 160 -12.08 12.18 -13.85
C CYS B 160 -13.39 12.96 -13.82
N CYS B 161 -13.37 14.07 -13.07
CA CYS B 161 -14.52 14.96 -12.99
C CYS B 161 -14.03 16.36 -12.63
N ARG B 162 -14.73 17.37 -13.15
CA ARG B 162 -14.36 18.77 -12.92
C ARG B 162 -15.62 19.62 -12.92
N PHE B 163 -15.83 20.37 -11.83
CA PHE B 163 -16.98 21.26 -11.76
C PHE B 163 -16.76 22.50 -12.61
N LEU B 164 -17.80 22.91 -13.32
CA LEU B 164 -17.86 24.23 -13.94
C LEU B 164 -18.58 25.24 -13.07
N ASP B 165 -19.61 24.79 -12.36
CA ASP B 165 -20.35 25.59 -11.39
C ASP B 165 -21.11 24.61 -10.49
N ASP B 166 -22.00 25.13 -9.66
CA ASP B 166 -22.84 24.27 -8.84
C ASP B 166 -23.95 23.60 -9.65
N ASN B 167 -24.12 23.98 -10.91
CA ASN B 167 -25.19 23.45 -11.77
C ASN B 167 -24.70 22.46 -12.80
N GLN B 168 -23.51 22.67 -13.38
CA GLN B 168 -23.00 21.81 -14.44
C GLN B 168 -21.63 21.28 -14.08
N ILE B 169 -21.35 20.06 -14.54
CA ILE B 169 -20.07 19.39 -14.31
C ILE B 169 -19.64 18.74 -15.61
N VAL B 170 -18.35 18.43 -15.71
CA VAL B 170 -17.84 17.67 -16.85
C VAL B 170 -17.06 16.48 -16.31
N THR B 171 -17.54 15.28 -16.64
CA THR B 171 -16.90 14.04 -16.23
C THR B 171 -16.28 13.35 -17.43
N SER B 172 -15.40 12.40 -17.15
CA SER B 172 -14.76 11.60 -18.18
C SER B 172 -14.59 10.19 -17.64
N SER B 173 -15.10 9.20 -18.37
CA SER B 173 -15.15 7.84 -17.84
C SER B 173 -14.37 6.89 -18.74
N GLY B 174 -14.24 5.66 -18.27
CA GLY B 174 -13.53 4.61 -18.98
C GLY B 174 -14.27 4.00 -20.14
N ASP B 175 -15.48 4.50 -20.44
CA ASP B 175 -16.23 4.07 -21.61
C ASP B 175 -15.94 4.92 -22.83
N THR B 176 -14.75 5.50 -22.91
CA THR B 176 -14.31 6.32 -24.04
C THR B 176 -15.28 7.48 -24.29
N THR B 177 -15.63 8.18 -23.23
CA THR B 177 -16.66 9.21 -23.32
C THR B 177 -16.50 10.23 -22.20
N CYS B 178 -16.57 11.50 -22.56
CA CYS B 178 -16.75 12.58 -21.60
C CYS B 178 -18.20 13.05 -21.65
N ALA B 179 -18.62 13.78 -20.62
CA ALA B 179 -20.02 14.15 -20.53
C ALA B 179 -20.17 15.42 -19.70
N LEU B 180 -20.89 16.39 -20.26
CA LEU B 180 -21.33 17.56 -19.52
C LEU B 180 -22.69 17.23 -18.90
N TRP B 181 -22.71 17.13 -17.58
CA TRP B 181 -23.89 16.79 -16.81
C TRP B 181 -24.51 18.04 -16.20
N ASP B 182 -25.84 18.07 -16.17
CA ASP B 182 -26.60 19.02 -15.38
C ASP B 182 -27.00 18.34 -14.08
N ILE B 183 -26.54 18.88 -12.96
CA ILE B 183 -26.75 18.23 -11.67
C ILE B 183 -28.23 18.18 -11.34
N GLU B 184 -28.93 19.32 -11.50
CA GLU B 184 -30.36 19.36 -11.17
C GLU B 184 -31.16 18.44 -12.08
N THR B 185 -30.86 18.46 -13.38
CA THR B 185 -31.53 17.54 -14.30
C THR B 185 -31.12 16.10 -14.01
N GLY B 186 -29.84 15.88 -13.73
CA GLY B 186 -29.33 14.54 -13.48
C GLY B 186 -28.95 13.75 -14.70
N GLN B 187 -29.12 14.31 -15.90
CA GLN B 187 -28.82 13.63 -17.14
C GLN B 187 -27.67 14.31 -17.86
N GLN B 188 -27.07 13.60 -18.81
CA GLN B 188 -26.00 14.16 -19.63
C GLN B 188 -26.58 15.25 -20.52
N THR B 189 -26.30 16.51 -20.18
CA THR B 189 -26.69 17.61 -21.06
C THR B 189 -25.98 17.50 -22.40
N THR B 190 -24.69 17.15 -22.39
CA THR B 190 -23.94 16.96 -23.62
C THR B 190 -23.03 15.75 -23.45
N THR B 191 -22.73 15.08 -24.56
CA THR B 191 -21.85 13.93 -24.55
C THR B 191 -20.73 14.14 -25.55
N PHE B 192 -19.48 14.02 -25.09
CA PHE B 192 -18.30 14.22 -25.91
C PHE B 192 -17.73 12.85 -26.27
N THR B 193 -17.87 12.48 -27.53
CA THR B 193 -17.37 11.22 -28.06
C THR B 193 -16.32 11.50 -29.13
N GLY B 194 -15.45 10.52 -29.34
CA GLY B 194 -14.37 10.68 -30.29
C GLY B 194 -13.09 10.05 -29.82
N HIS B 195 -12.95 9.93 -28.50
CA HIS B 195 -11.80 9.23 -27.94
C HIS B 195 -11.91 7.73 -28.20
N THR B 196 -10.84 7.14 -28.74
CA THR B 196 -10.85 5.71 -29.00
C THR B 196 -10.70 4.91 -27.72
N GLY B 197 -9.81 5.36 -26.82
CA GLY B 197 -9.58 4.69 -25.56
C GLY B 197 -10.30 5.36 -24.39
N ASP B 198 -10.06 4.81 -23.21
CA ASP B 198 -10.66 5.34 -21.99
C ASP B 198 -10.08 6.71 -21.68
N VAL B 199 -10.95 7.67 -21.38
CA VAL B 199 -10.51 9.02 -21.04
C VAL B 199 -10.05 9.02 -19.58
N MET B 200 -8.80 9.44 -19.35
CA MET B 200 -8.21 9.40 -18.03
C MET B 200 -8.02 10.77 -17.39
N SER B 201 -7.93 11.82 -18.18
CA SER B 201 -7.59 13.15 -17.67
C SER B 201 -8.59 14.18 -18.20
N LEU B 202 -8.69 15.29 -17.48
CA LEU B 202 -9.64 16.34 -17.81
C LEU B 202 -9.18 17.64 -17.17
N SER B 203 -9.07 18.69 -17.98
CA SER B 203 -8.73 20.02 -17.50
C SER B 203 -9.66 21.03 -18.13
N LEU B 204 -9.95 22.10 -17.39
CA LEU B 204 -10.86 23.15 -17.83
C LEU B 204 -10.06 24.40 -18.19
N ALA B 205 -10.47 25.06 -19.28
CA ALA B 205 -9.91 26.35 -19.61
C ALA B 205 -10.32 27.38 -18.57
N PRO B 206 -9.49 28.40 -18.35
CA PRO B 206 -9.82 29.40 -17.32
C PRO B 206 -11.16 30.09 -17.56
N ASP B 207 -11.53 30.32 -18.81
CA ASP B 207 -12.83 30.92 -19.13
C ASP B 207 -13.96 29.90 -19.14
N THR B 208 -13.64 28.60 -19.03
CA THR B 208 -14.59 27.49 -19.05
C THR B 208 -15.42 27.44 -20.32
N ARG B 209 -15.04 28.18 -21.36
CA ARG B 209 -15.70 28.05 -22.65
C ARG B 209 -15.28 26.79 -23.38
N LEU B 210 -14.12 26.24 -23.04
CA LEU B 210 -13.63 24.99 -23.62
C LEU B 210 -12.97 24.17 -22.52
N PHE B 211 -12.64 22.93 -22.85
CA PHE B 211 -11.86 22.08 -21.95
C PHE B 211 -11.05 21.11 -22.78
N VAL B 212 -10.08 20.48 -22.15
CA VAL B 212 -9.21 19.54 -22.84
C VAL B 212 -9.19 18.23 -22.06
N SER B 213 -9.28 17.11 -22.78
CA SER B 213 -9.35 15.81 -22.15
C SER B 213 -8.40 14.85 -22.85
N GLY B 214 -7.61 14.12 -22.08
CA GLY B 214 -6.70 13.11 -22.62
C GLY B 214 -7.21 11.73 -22.31
N ALA B 215 -6.85 10.77 -23.16
CA ALA B 215 -7.36 9.41 -23.03
C ALA B 215 -6.22 8.43 -23.28
N CYS B 216 -6.56 7.15 -23.33
CA CYS B 216 -5.58 6.08 -23.47
C CYS B 216 -5.15 5.83 -24.91
N ASP B 217 -5.73 6.55 -25.88
CA ASP B 217 -5.33 6.45 -27.27
C ASP B 217 -4.24 7.47 -27.64
N ALA B 218 -3.51 7.99 -26.63
CA ALA B 218 -2.42 8.94 -26.84
C ALA B 218 -2.91 10.18 -27.59
N SER B 219 -4.09 10.68 -27.24
CA SER B 219 -4.65 11.85 -27.88
C SER B 219 -5.34 12.72 -26.85
N ALA B 220 -5.13 14.04 -26.95
CA ALA B 220 -5.79 15.02 -26.11
C ALA B 220 -6.68 15.88 -27.01
N LYS B 221 -7.96 15.95 -26.68
CA LYS B 221 -8.94 16.64 -27.51
C LYS B 221 -9.49 17.84 -26.75
N LEU B 222 -9.57 18.97 -27.46
CA LEU B 222 -10.13 20.20 -26.94
C LEU B 222 -11.56 20.32 -27.43
N TRP B 223 -12.50 20.32 -26.49
CA TRP B 223 -13.93 20.33 -26.75
C TRP B 223 -14.54 21.65 -26.29
N ASP B 224 -15.48 22.17 -27.08
CA ASP B 224 -16.25 23.34 -26.71
C ASP B 224 -17.47 22.88 -25.92
N VAL B 225 -17.60 23.40 -24.70
CA VAL B 225 -18.72 22.99 -23.84
C VAL B 225 -20.04 23.44 -24.43
N ARG B 226 -20.09 24.66 -24.96
CA ARG B 226 -21.36 25.22 -25.44
C ARG B 226 -21.92 24.43 -26.60
N GLU B 227 -21.08 24.04 -27.56
CA GLU B 227 -21.56 23.31 -28.73
C GLU B 227 -21.37 21.80 -28.61
N GLY B 228 -20.54 21.33 -27.69
CA GLY B 228 -20.32 19.90 -27.54
C GLY B 228 -19.65 19.24 -28.72
N MET B 229 -18.66 19.90 -29.32
CA MET B 229 -17.95 19.36 -30.48
C MET B 229 -16.45 19.49 -30.26
N CYS B 230 -15.71 18.50 -30.77
CA CYS B 230 -14.26 18.47 -30.65
C CYS B 230 -13.67 19.55 -31.54
N ARG B 231 -13.29 20.68 -30.94
CA ARG B 231 -12.71 21.77 -31.71
C ARG B 231 -11.28 21.49 -32.12
N GLN B 232 -10.52 20.76 -31.30
CA GLN B 232 -9.11 20.52 -31.65
C GLN B 232 -8.69 19.14 -31.16
N THR B 233 -7.63 18.62 -31.77
CA THR B 233 -7.12 17.30 -31.42
C THR B 233 -5.60 17.30 -31.56
N PHE B 234 -4.91 16.74 -30.57
CA PHE B 234 -3.46 16.70 -30.55
C PHE B 234 -3.01 15.28 -30.22
N THR B 235 -2.10 14.74 -31.02
CA THR B 235 -1.63 13.37 -30.87
C THR B 235 -0.15 13.33 -30.52
N GLY B 236 0.28 14.24 -29.64
CA GLY B 236 1.70 14.31 -29.30
C GLY B 236 2.21 13.09 -28.57
N HIS B 237 1.45 12.61 -27.60
CA HIS B 237 1.95 11.54 -26.72
C HIS B 237 2.06 10.21 -27.46
N GLU B 238 2.84 9.31 -26.88
CA GLU B 238 3.07 7.99 -27.44
C GLU B 238 2.54 6.87 -26.56
N SER B 239 1.85 7.20 -25.47
CA SER B 239 1.27 6.20 -24.58
C SER B 239 -0.02 6.75 -23.99
N ASP B 240 -0.53 6.08 -22.97
CA ASP B 240 -1.80 6.46 -22.37
C ASP B 240 -1.63 7.73 -21.56
N ILE B 241 -2.35 8.79 -21.96
CA ILE B 241 -2.31 10.04 -21.20
C ILE B 241 -2.99 9.83 -19.86
N ASN B 242 -2.32 10.26 -18.78
CA ASN B 242 -2.88 10.13 -17.44
C ASN B 242 -3.27 11.44 -16.80
N ALA B 243 -2.58 12.54 -17.12
CA ALA B 243 -2.86 13.82 -16.48
C ALA B 243 -2.84 14.93 -17.52
N ILE B 244 -3.56 16.01 -17.20
CA ILE B 244 -3.63 17.16 -18.09
C ILE B 244 -3.96 18.40 -17.27
N CYS B 245 -3.43 19.54 -17.69
CA CYS B 245 -3.66 20.81 -17.00
C CYS B 245 -3.65 21.94 -18.01
N PHE B 246 -4.28 23.05 -17.63
CA PHE B 246 -4.40 24.21 -18.50
C PHE B 246 -3.43 25.31 -18.05
N PHE B 247 -2.70 25.86 -19.01
CA PHE B 247 -1.78 26.95 -18.73
C PHE B 247 -2.56 28.20 -18.28
N PRO B 248 -1.98 29.01 -17.39
CA PRO B 248 -2.71 30.20 -16.91
C PRO B 248 -3.10 31.16 -18.03
N ASN B 249 -2.35 31.18 -19.12
CA ASN B 249 -2.71 32.04 -20.25
C ASN B 249 -4.06 31.65 -20.83
N GLY B 250 -4.33 30.35 -20.89
CA GLY B 250 -5.54 29.84 -21.50
C GLY B 250 -5.41 29.44 -22.95
N ASN B 251 -4.29 29.77 -23.58
CA ASN B 251 -4.02 29.41 -24.97
C ASN B 251 -3.07 28.24 -25.08
N ALA B 252 -2.80 27.53 -23.99
CA ALA B 252 -1.92 26.38 -24.02
C ALA B 252 -2.28 25.45 -22.87
N PHE B 253 -1.79 24.22 -22.95
CA PHE B 253 -2.02 23.24 -21.90
C PHE B 253 -0.88 22.23 -21.90
N ALA B 254 -0.77 21.49 -20.79
CA ALA B 254 0.27 20.49 -20.61
C ALA B 254 -0.36 19.13 -20.36
N THR B 255 0.29 18.09 -20.87
CA THR B 255 -0.21 16.72 -20.86
C THR B 255 0.89 15.78 -20.39
N GLY B 256 0.54 14.86 -19.49
CA GLY B 256 1.49 13.88 -19.00
C GLY B 256 0.94 12.47 -19.14
N SER B 257 1.80 11.57 -19.63
CA SER B 257 1.38 10.21 -19.95
C SER B 257 2.29 9.16 -19.33
N ASP B 258 2.10 7.91 -19.72
CA ASP B 258 2.91 6.79 -19.23
C ASP B 258 4.21 6.61 -20.01
N ASP B 259 4.46 7.43 -21.02
CA ASP B 259 5.69 7.37 -21.80
C ASP B 259 6.86 8.08 -21.12
N ALA B 260 6.74 8.37 -19.83
CA ALA B 260 7.80 9.04 -19.06
C ALA B 260 8.15 10.40 -19.63
N THR B 261 7.20 11.03 -20.34
CA THR B 261 7.40 12.33 -20.94
C THR B 261 6.17 13.19 -20.71
N CYS B 262 6.37 14.50 -20.76
CA CYS B 262 5.29 15.47 -20.71
C CYS B 262 5.41 16.40 -21.91
N ARG B 263 4.28 16.93 -22.36
CA ARG B 263 4.27 17.80 -23.54
C ARG B 263 3.43 19.03 -23.28
N LEU B 264 3.73 20.10 -24.01
CA LEU B 264 2.93 21.32 -23.99
C LEU B 264 2.38 21.57 -25.39
N PHE B 265 1.08 21.80 -25.47
CA PHE B 265 0.41 22.09 -26.73
C PHE B 265 -0.23 23.47 -26.66
N ASP B 266 -0.37 24.10 -27.82
CA ASP B 266 -0.90 25.45 -27.92
C ASP B 266 -2.22 25.43 -28.67
N LEU B 267 -3.22 26.13 -28.14
CA LEU B 267 -4.53 26.18 -28.78
C LEU B 267 -4.46 26.91 -30.11
N ARG B 268 -3.87 28.12 -30.13
CA ARG B 268 -3.83 28.90 -31.35
C ARG B 268 -2.83 28.34 -32.35
N ALA B 269 -1.66 27.90 -31.88
CA ALA B 269 -0.65 27.36 -32.79
C ALA B 269 -1.00 25.96 -33.28
N ASP B 270 -1.82 25.22 -32.54
CA ASP B 270 -2.23 23.87 -32.91
C ASP B 270 -1.00 22.97 -33.13
N GLN B 271 -0.06 23.05 -32.20
CA GLN B 271 1.20 22.34 -32.33
C GLN B 271 1.80 22.11 -30.95
N GLU B 272 2.46 20.97 -30.78
CA GLU B 272 3.21 20.73 -29.55
C GLU B 272 4.44 21.63 -29.50
N LEU B 273 4.61 22.35 -28.40
CA LEU B 273 5.67 23.34 -28.28
C LEU B 273 6.92 22.74 -27.63
N MET B 274 6.79 22.25 -26.41
CA MET B 274 7.94 21.82 -25.62
C MET B 274 7.68 20.43 -25.06
N THR B 275 8.76 19.64 -24.98
CA THR B 275 8.72 18.29 -24.42
C THR B 275 9.63 18.22 -23.21
N TYR B 276 9.10 17.74 -22.09
CA TYR B 276 9.82 17.62 -20.83
C TYR B 276 10.10 16.14 -20.59
N SER B 277 11.37 15.78 -20.58
CA SER B 277 11.80 14.40 -20.34
C SER B 277 13.23 14.42 -19.83
N HIS B 278 13.64 13.29 -19.25
CA HIS B 278 14.98 13.18 -18.68
C HIS B 278 15.39 11.72 -18.64
N ASP B 279 16.70 11.50 -18.48
CA ASP B 279 17.21 10.14 -18.40
C ASP B 279 16.90 9.48 -17.05
N ASN B 280 16.67 10.29 -16.02
CA ASN B 280 16.36 9.77 -14.69
C ASN B 280 14.87 9.48 -14.51
N ILE B 281 14.08 9.57 -15.56
CA ILE B 281 12.64 9.32 -15.51
C ILE B 281 12.31 8.24 -16.53
N ILE B 282 11.79 7.12 -16.05
CA ILE B 282 11.46 5.99 -16.91
C ILE B 282 10.03 5.53 -16.62
N CYS B 283 9.45 6.09 -15.56
CA CYS B 283 8.12 5.71 -15.12
C CYS B 283 7.08 6.70 -15.62
N GLY B 284 5.80 6.31 -15.48
CA GLY B 284 4.72 7.14 -15.96
C GLY B 284 4.43 8.33 -15.06
N ILE B 285 3.68 9.27 -15.62
CA ILE B 285 3.29 10.51 -14.93
C ILE B 285 1.85 10.36 -14.49
N THR B 286 1.59 10.66 -13.21
CA THR B 286 0.25 10.53 -12.65
C THR B 286 -0.49 11.86 -12.58
N SER B 287 0.20 12.96 -12.29
CA SER B 287 -0.44 14.26 -12.20
C SER B 287 0.49 15.33 -12.74
N VAL B 288 -0.11 16.39 -13.30
CA VAL B 288 0.63 17.57 -13.74
C VAL B 288 -0.16 18.81 -13.31
N SER B 289 0.56 19.92 -13.21
CA SER B 289 -0.05 21.21 -12.86
C SER B 289 0.91 22.32 -13.24
N PHE B 290 0.41 23.55 -13.18
CA PHE B 290 1.15 24.74 -13.56
C PHE B 290 1.20 25.73 -12.40
N SER B 291 2.23 26.57 -12.41
CA SER B 291 2.42 27.57 -11.37
C SER B 291 1.57 28.81 -11.66
N LYS B 292 1.69 29.80 -10.77
CA LYS B 292 0.88 31.02 -10.90
C LYS B 292 1.20 31.75 -12.20
N SER B 293 2.48 31.89 -12.54
CA SER B 293 2.89 32.48 -13.80
C SER B 293 3.00 31.46 -14.92
N GLY B 294 2.91 30.17 -14.60
CA GLY B 294 3.09 29.12 -15.59
C GLY B 294 4.53 28.80 -15.92
N ARG B 295 5.49 29.47 -15.28
CA ARG B 295 6.89 29.23 -15.60
C ARG B 295 7.32 27.82 -15.24
N LEU B 296 6.87 27.31 -14.10
CA LEU B 296 7.29 26.02 -13.59
C LEU B 296 6.17 24.99 -13.79
N LEU B 297 6.54 23.81 -14.27
CA LEU B 297 5.61 22.70 -14.46
C LEU B 297 5.98 21.58 -13.49
N LEU B 298 5.04 21.21 -12.64
CA LEU B 298 5.25 20.18 -11.63
C LEU B 298 4.51 18.91 -12.04
N ALA B 299 5.21 17.77 -11.98
CA ALA B 299 4.62 16.51 -12.39
C ALA B 299 5.05 15.40 -11.44
N GLY B 300 4.10 14.62 -10.96
CA GLY B 300 4.36 13.49 -10.07
C GLY B 300 4.48 12.21 -10.86
N TYR B 301 5.40 11.36 -10.44
CA TYR B 301 5.78 10.17 -11.21
C TYR B 301 5.54 8.90 -10.41
N ASP B 302 5.68 7.76 -11.08
CA ASP B 302 5.56 6.48 -10.41
C ASP B 302 6.76 6.15 -9.53
N ASP B 303 7.83 6.94 -9.62
CA ASP B 303 9.04 6.71 -8.82
C ASP B 303 9.06 7.57 -7.57
N PHE B 304 7.89 7.74 -6.95
CA PHE B 304 7.73 8.35 -5.62
C PHE B 304 7.96 9.86 -5.64
N ASN B 305 8.40 10.40 -6.77
CA ASN B 305 8.91 11.77 -6.81
C ASN B 305 7.99 12.70 -7.58
N CYS B 306 8.07 13.98 -7.23
CA CYS B 306 7.43 15.06 -7.98
C CYS B 306 8.52 16.00 -8.47
N ASN B 307 8.63 16.14 -9.79
CA ASN B 307 9.68 16.93 -10.41
C ASN B 307 9.11 18.27 -10.87
N VAL B 308 9.81 19.35 -10.57
CA VAL B 308 9.42 20.70 -10.97
C VAL B 308 10.25 21.08 -12.19
N TRP B 309 9.58 21.35 -13.29
CA TRP B 309 10.23 21.69 -14.54
C TRP B 309 10.17 23.19 -14.80
N ASP B 310 10.64 23.60 -15.97
CA ASP B 310 10.53 24.99 -16.43
C ASP B 310 9.80 24.97 -17.76
N ALA B 311 8.70 25.73 -17.83
CA ALA B 311 7.90 25.74 -19.05
C ALA B 311 8.56 26.51 -20.19
N LEU B 312 9.64 27.24 -19.91
CA LEU B 312 10.32 28.02 -20.93
C LEU B 312 11.72 27.51 -21.25
N LYS B 313 12.23 26.54 -20.52
CA LYS B 313 13.56 25.99 -20.79
C LYS B 313 13.63 24.47 -20.77
N ALA B 314 12.56 23.78 -20.35
CA ALA B 314 12.51 22.32 -20.32
C ALA B 314 13.61 21.72 -19.44
N ASP B 315 14.02 22.44 -18.40
CA ASP B 315 15.01 21.95 -17.45
C ASP B 315 14.40 21.90 -16.05
N ARG B 316 14.80 20.90 -15.29
CA ARG B 316 14.22 20.67 -13.98
C ARG B 316 14.63 21.77 -13.00
N ALA B 317 13.78 22.00 -12.00
CA ALA B 317 14.04 22.97 -10.95
C ALA B 317 13.92 22.34 -9.56
N GLY B 318 14.26 21.06 -9.44
CA GLY B 318 14.22 20.39 -8.16
C GLY B 318 13.31 19.18 -8.12
N VAL B 319 13.63 18.22 -7.26
CA VAL B 319 12.83 17.02 -7.06
C VAL B 319 12.36 17.00 -5.61
N LEU B 320 11.05 16.90 -5.42
CA LEU B 320 10.51 16.84 -4.07
C LEU B 320 10.84 15.49 -3.44
N ALA B 321 11.05 15.50 -2.13
CA ALA B 321 11.38 14.29 -1.40
C ALA B 321 10.27 13.26 -1.55
N GLY B 322 10.66 12.03 -1.86
CA GLY B 322 9.68 11.02 -2.25
C GLY B 322 8.79 10.59 -1.11
N HIS B 323 7.61 10.09 -1.49
CA HIS B 323 6.71 9.44 -0.56
C HIS B 323 7.16 7.99 -0.38
N ASP B 324 6.39 7.21 0.37
CA ASP B 324 6.68 5.79 0.51
C ASP B 324 6.09 4.96 -0.64
N ASN B 325 5.22 5.54 -1.45
CA ASN B 325 4.62 4.83 -2.57
C ASN B 325 4.46 5.81 -3.73
N ARG B 326 3.94 5.31 -4.85
CA ARG B 326 3.74 6.13 -6.04
C ARG B 326 2.86 7.33 -5.71
N VAL B 327 3.29 8.51 -6.17
CA VAL B 327 2.49 9.72 -5.98
C VAL B 327 1.40 9.72 -7.05
N SER B 328 0.15 9.63 -6.62
CA SER B 328 -0.96 9.45 -7.52
C SER B 328 -1.61 10.76 -7.95
N CYS B 329 -1.40 11.83 -7.21
CA CYS B 329 -2.03 13.10 -7.55
C CYS B 329 -1.19 14.25 -7.02
N LEU B 330 -1.40 15.42 -7.60
CA LEU B 330 -0.78 16.65 -7.10
C LEU B 330 -1.67 17.81 -7.51
N GLY B 331 -1.44 18.95 -6.86
CA GLY B 331 -2.18 20.15 -7.15
C GLY B 331 -1.44 21.40 -6.73
N VAL B 332 -1.33 22.37 -7.64
CA VAL B 332 -0.73 23.66 -7.34
C VAL B 332 -1.86 24.64 -7.10
N THR B 333 -1.74 25.42 -6.02
CA THR B 333 -2.80 26.34 -5.65
C THR B 333 -2.94 27.45 -6.69
N ASP B 334 -4.15 28.00 -6.78
CA ASP B 334 -4.43 29.01 -7.79
C ASP B 334 -3.56 30.25 -7.61
N ASP B 335 -3.21 30.59 -6.37
CA ASP B 335 -2.28 31.68 -6.10
C ASP B 335 -0.83 31.23 -6.11
N GLY B 336 -0.57 29.96 -6.42
CA GLY B 336 0.79 29.46 -6.46
C GLY B 336 1.46 29.38 -5.12
N MET B 337 0.69 29.43 -4.02
CA MET B 337 1.26 29.52 -2.70
C MET B 337 1.67 28.17 -2.11
N ALA B 338 1.25 27.07 -2.73
CA ALA B 338 1.58 25.76 -2.20
C ALA B 338 1.43 24.72 -3.31
N VAL B 339 2.03 23.55 -3.08
CA VAL B 339 1.90 22.40 -3.97
C VAL B 339 1.64 21.17 -3.11
N ALA B 340 0.47 20.58 -3.24
CA ALA B 340 0.15 19.35 -2.53
C ALA B 340 0.43 18.15 -3.41
N THR B 341 0.95 17.09 -2.80
CA THR B 341 1.15 15.81 -3.48
C THR B 341 0.53 14.71 -2.63
N GLY B 342 -0.32 13.89 -3.24
CA GLY B 342 -0.89 12.74 -2.59
C GLY B 342 -0.41 11.47 -3.26
N SER B 343 -0.07 10.47 -2.46
CA SER B 343 0.57 9.26 -2.93
C SER B 343 -0.19 8.03 -2.46
N TRP B 344 0.21 6.88 -2.99
CA TRP B 344 -0.39 5.61 -2.62
C TRP B 344 0.00 5.13 -1.22
N ASP B 345 0.67 5.94 -0.40
CA ASP B 345 1.00 5.56 0.96
C ASP B 345 0.13 6.25 2.00
N SER B 346 -0.96 6.91 1.56
CA SER B 346 -1.94 7.54 2.44
C SER B 346 -1.38 8.75 3.19
N PHE B 347 -0.56 9.55 2.51
CA PHE B 347 -0.03 10.78 3.07
C PHE B 347 -0.14 11.90 2.03
N LEU B 348 -0.36 13.12 2.50
CA LEU B 348 -0.47 14.28 1.62
C LEU B 348 0.55 15.33 2.05
N LYS B 349 1.56 15.57 1.21
CA LYS B 349 2.65 16.47 1.56
C LYS B 349 2.48 17.82 0.88
N ILE B 350 2.62 18.89 1.66
CA ILE B 350 2.50 20.26 1.19
C ILE B 350 3.91 20.84 1.04
N TRP B 351 4.18 21.47 -0.10
CA TRP B 351 5.50 22.00 -0.41
C TRP B 351 5.36 23.49 -0.75
N ASN B 352 6.28 24.29 -0.22
CA ASN B 352 6.23 25.72 -0.44
C ASN B 352 7.60 26.35 -0.20
N ALA C 12 -16.32 7.04 -41.35
CA ALA C 12 -17.65 7.30 -41.88
C ALA C 12 -17.95 8.80 -41.91
N ARG C 13 -19.23 9.16 -42.06
CA ARG C 13 -19.62 10.56 -42.08
C ARG C 13 -19.31 11.22 -40.74
N LYS C 14 -19.64 10.55 -39.63
CA LYS C 14 -19.33 11.10 -38.32
C LYS C 14 -17.82 11.21 -38.10
N LEU C 15 -17.08 10.19 -38.52
CA LEU C 15 -15.63 10.20 -38.33
C LEU C 15 -14.98 11.33 -39.14
N VAL C 16 -15.42 11.53 -40.39
CA VAL C 16 -14.84 12.59 -41.20
C VAL C 16 -15.29 13.96 -40.69
N GLU C 17 -16.52 14.06 -40.17
CA GLU C 17 -16.97 15.33 -39.58
C GLU C 17 -16.19 15.66 -38.31
N GLN C 18 -15.71 14.63 -37.60
CA GLN C 18 -14.91 14.86 -36.40
C GLN C 18 -13.68 15.70 -36.69
N LEU C 19 -13.15 15.65 -37.92
CA LEU C 19 -11.96 16.39 -38.27
C LEU C 19 -12.12 17.35 -39.44
N LYS C 20 -13.32 17.46 -40.02
CA LYS C 20 -13.52 18.42 -41.11
C LYS C 20 -13.27 19.85 -40.64
N MET C 21 -13.77 20.20 -39.45
CA MET C 21 -13.57 21.55 -38.94
C MET C 21 -12.14 21.80 -38.49
N GLU C 22 -11.33 20.76 -38.31
CA GLU C 22 -9.93 20.96 -37.92
C GLU C 22 -9.15 21.68 -39.01
N ALA C 23 -9.40 21.36 -40.27
CA ALA C 23 -8.74 22.06 -41.36
C ALA C 23 -9.11 23.54 -41.38
N ASN C 24 -10.38 23.85 -41.15
CA ASN C 24 -10.86 25.23 -41.17
C ASN C 24 -10.64 25.90 -39.81
N ILE C 25 -9.37 25.98 -39.42
CA ILE C 25 -8.95 26.64 -38.19
C ILE C 25 -7.81 27.60 -38.52
N ASP C 26 -7.66 28.61 -37.66
CA ASP C 26 -6.63 29.63 -37.83
C ASP C 26 -5.43 29.28 -36.97
N ARG C 27 -4.27 29.11 -37.62
CA ARG C 27 -3.03 28.80 -36.93
C ARG C 27 -2.15 30.04 -36.91
N ILE C 28 -1.63 30.37 -35.73
CA ILE C 28 -0.79 31.54 -35.56
C ILE C 28 0.68 31.09 -35.58
N LYS C 29 1.58 32.05 -35.70
CA LYS C 29 3.00 31.76 -35.74
C LYS C 29 3.47 31.21 -34.40
N VAL C 30 4.32 30.20 -34.45
CA VAL C 30 4.90 29.64 -33.23
C VAL C 30 5.75 30.68 -32.52
N SER C 31 6.42 31.55 -33.27
CA SER C 31 7.14 32.66 -32.67
C SER C 31 6.20 33.58 -31.92
N LYS C 32 5.03 33.87 -32.50
CA LYS C 32 4.05 34.71 -31.82
C LYS C 32 3.55 34.04 -30.55
N ALA C 33 3.30 32.73 -30.61
CA ALA C 33 2.84 32.01 -29.41
C ALA C 33 3.92 32.04 -28.33
N ALA C 34 5.17 31.84 -28.70
CA ALA C 34 6.27 31.90 -27.74
C ALA C 34 6.39 33.29 -27.14
N ALA C 35 6.21 34.34 -27.96
CA ALA C 35 6.26 35.70 -27.45
C ALA C 35 5.13 35.95 -26.46
N ASP C 36 3.93 35.43 -26.75
CA ASP C 36 2.81 35.60 -25.83
C ASP C 36 3.08 34.87 -24.51
N LEU C 37 3.61 33.65 -24.58
CA LEU C 37 3.95 32.91 -23.37
C LEU C 37 5.01 33.64 -22.56
N MET C 38 6.04 34.17 -23.23
CA MET C 38 7.07 34.92 -22.54
C MET C 38 6.50 36.17 -21.88
N ALA C 39 5.60 36.87 -22.58
CA ALA C 39 4.99 38.06 -22.00
C ALA C 39 4.18 37.72 -20.77
N TYR C 40 3.38 36.64 -20.83
CA TYR C 40 2.60 36.24 -19.66
C TYR C 40 3.51 35.86 -18.50
N CYS C 41 4.57 35.10 -18.77
CA CYS C 41 5.49 34.68 -17.71
C CYS C 41 6.17 35.88 -17.08
N GLU C 42 6.64 36.82 -17.89
CA GLU C 42 7.37 37.97 -17.35
C GLU C 42 6.45 38.94 -16.63
N ALA C 43 5.22 39.11 -17.10
CA ALA C 43 4.27 39.97 -16.40
C ALA C 43 3.71 39.30 -15.14
N HIS C 44 3.85 37.99 -15.01
CA HIS C 44 3.40 37.29 -13.82
C HIS C 44 4.54 36.67 -13.02
N ALA C 45 5.79 36.87 -13.44
CA ALA C 45 6.92 36.32 -12.69
C ALA C 45 7.04 36.95 -11.31
N LYS C 46 6.73 38.25 -11.20
CA LYS C 46 6.83 38.93 -9.93
C LYS C 46 5.86 38.35 -8.91
N GLU C 47 4.63 38.08 -9.32
CA GLU C 47 3.62 37.50 -8.44
C GLU C 47 3.54 35.98 -8.62
N ASP C 48 4.68 35.32 -8.39
CA ASP C 48 4.77 33.87 -8.49
C ASP C 48 5.60 33.35 -7.32
N PRO C 49 4.95 32.91 -6.23
CA PRO C 49 5.71 32.43 -5.07
C PRO C 49 6.58 31.21 -5.35
N LEU C 50 6.29 30.43 -6.38
CA LEU C 50 7.08 29.24 -6.66
C LEU C 50 8.39 29.56 -7.38
N LEU C 51 8.51 30.75 -7.96
CA LEU C 51 9.74 31.12 -8.66
C LEU C 51 10.82 31.55 -7.68
N THR C 52 10.58 32.60 -6.93
CA THR C 52 11.45 33.17 -5.94
C THR C 52 11.01 32.75 -4.54
N PRO C 53 11.96 32.56 -3.62
CA PRO C 53 11.57 32.18 -2.24
C PRO C 53 10.74 33.27 -1.58
N VAL C 54 9.48 32.97 -1.32
CA VAL C 54 8.58 33.96 -0.70
C VAL C 54 9.05 34.24 0.73
N PRO C 55 9.10 35.51 1.15
CA PRO C 55 9.46 35.81 2.54
C PRO C 55 8.46 35.18 3.50
N ALA C 56 8.98 34.74 4.65
CA ALA C 56 8.15 34.06 5.63
C ALA C 56 7.10 34.97 6.26
N SER C 57 7.26 36.29 6.15
CA SER C 57 6.28 37.20 6.73
C SER C 57 4.92 37.04 6.07
N GLU C 58 4.89 36.95 4.74
CA GLU C 58 3.65 36.76 4.00
C GLU C 58 3.38 35.30 3.68
N ASN C 59 4.29 34.40 4.02
CA ASN C 59 4.12 32.98 3.71
C ASN C 59 3.22 32.33 4.74
N PRO C 60 2.09 31.72 4.33
CA PRO C 60 1.22 31.05 5.29
C PRO C 60 1.70 29.68 5.75
N PHE C 61 2.96 29.33 5.48
CA PHE C 61 3.54 28.05 5.85
C PHE C 61 4.87 28.25 6.56
N ARG C 62 4.88 29.15 7.54
CA ARG C 62 6.07 29.42 8.33
C ARG C 62 6.50 28.20 9.12
N SER D 78 47.23 -4.08 33.57
CA SER D 78 47.00 -4.32 32.15
C SER D 78 45.87 -5.32 31.96
N TYR D 79 45.70 -6.23 32.92
CA TYR D 79 44.65 -7.23 32.84
C TYR D 79 43.28 -6.67 33.18
N GLN D 80 43.22 -5.54 33.89
CA GLN D 80 41.95 -4.94 34.28
C GLN D 80 41.39 -3.98 33.24
N VAL D 81 42.15 -3.65 32.19
CA VAL D 81 41.68 -2.72 31.18
C VAL D 81 41.21 -3.50 29.96
N ILE D 82 41.85 -4.63 29.68
CA ILE D 82 41.40 -5.48 28.58
C ILE D 82 40.03 -6.06 28.89
N THR D 83 39.84 -6.55 30.11
CA THR D 83 38.54 -7.11 30.50
C THR D 83 37.47 -6.03 30.60
N SER D 84 37.86 -4.76 30.72
CA SER D 84 36.90 -3.67 30.73
C SER D 84 36.52 -3.24 29.33
N LEU D 85 37.49 -3.14 28.42
CA LEU D 85 37.18 -2.78 27.04
C LEU D 85 36.41 -3.89 26.34
N LEU D 86 36.73 -5.16 26.64
CA LEU D 86 36.04 -6.26 25.98
C LEU D 86 34.59 -6.36 26.42
N LEU D 87 34.28 -5.95 27.65
CA LEU D 87 32.89 -5.92 28.09
C LEU D 87 32.18 -4.65 27.63
N GLY D 88 32.91 -3.52 27.58
CA GLY D 88 32.30 -2.30 27.09
C GLY D 88 31.93 -2.39 25.62
N THR D 89 32.74 -3.10 24.83
CA THR D 89 32.40 -3.29 23.42
C THR D 89 31.11 -4.09 23.27
N LEU D 90 30.96 -5.16 24.06
CA LEU D 90 29.73 -5.95 24.02
C LEU D 90 28.53 -5.14 24.48
N ILE D 91 28.70 -4.34 25.53
CA ILE D 91 27.61 -3.48 26.00
C ILE D 91 27.21 -2.49 24.91
N PHE D 92 28.20 -1.87 24.26
CA PHE D 92 27.92 -0.90 23.20
C PHE D 92 27.20 -1.56 22.03
N CYS D 93 27.65 -2.75 21.63
CA CYS D 93 26.99 -3.47 20.54
C CYS D 93 25.54 -3.76 20.88
N ALA D 94 25.30 -4.25 22.10
CA ALA D 94 23.92 -4.57 22.50
C ALA D 94 23.05 -3.32 22.53
N VAL D 95 23.57 -2.22 23.08
CA VAL D 95 22.81 -0.98 23.15
C VAL D 95 22.50 -0.46 21.76
N LEU D 96 23.49 -0.46 20.86
CA LEU D 96 23.25 0.03 19.51
C LEU D 96 22.24 -0.85 18.77
N GLY D 97 22.34 -2.17 18.94
CA GLY D 97 21.40 -3.05 18.27
C GLY D 97 19.96 -2.84 18.73
N ASN D 98 19.76 -2.79 20.05
CA ASN D 98 18.42 -2.58 20.57
C ASN D 98 17.88 -1.21 20.18
N ALA D 99 18.74 -0.18 20.25
CA ALA D 99 18.31 1.17 19.86
C ALA D 99 17.92 1.21 18.39
N CYS D 100 18.69 0.53 17.53
CA CYS D 100 18.35 0.50 16.11
C CYS D 100 17.02 -0.19 15.87
N VAL D 101 16.75 -1.31 16.57
CA VAL D 101 15.47 -1.98 16.40
C VAL D 101 14.32 -1.07 16.83
N VAL D 102 14.46 -0.43 18.00
CA VAL D 102 13.39 0.43 18.48
C VAL D 102 13.19 1.63 17.56
N ALA D 103 14.28 2.20 17.05
CA ALA D 103 14.19 3.32 16.13
C ALA D 103 13.52 2.92 14.83
N ALA D 104 13.84 1.73 14.31
CA ALA D 104 13.18 1.26 13.10
C ALA D 104 11.69 1.08 13.30
N ILE D 105 11.30 0.55 14.46
CA ILE D 105 9.86 0.38 14.71
C ILE D 105 9.17 1.73 14.86
N ALA D 106 9.81 2.67 15.55
CA ALA D 106 9.19 3.96 15.80
C ALA D 106 9.10 4.80 14.53
N LEU D 107 10.08 4.68 13.64
CA LEU D 107 10.17 5.49 12.42
C LEU D 107 9.67 4.74 11.21
N GLU D 108 8.63 3.92 11.37
CA GLU D 108 8.07 3.16 10.27
C GLU D 108 6.60 2.88 10.57
N ARG D 109 5.75 3.05 9.55
CA ARG D 109 4.33 2.77 9.69
C ARG D 109 3.96 1.37 9.23
N SER D 110 4.79 0.73 8.41
CA SER D 110 4.53 -0.63 7.97
C SER D 110 4.98 -1.68 8.97
N LEU D 111 5.74 -1.28 9.99
CA LEU D 111 6.25 -2.21 11.00
C LEU D 111 5.48 -2.13 12.32
N GLN D 112 4.31 -1.49 12.32
CA GLN D 112 3.50 -1.39 13.53
C GLN D 112 2.35 -2.40 13.47
N ASN D 113 2.70 -3.65 13.70
CA ASN D 113 1.76 -4.76 13.83
C ASN D 113 1.97 -5.45 15.17
N VAL D 114 1.19 -6.51 15.43
CA VAL D 114 1.28 -7.17 16.73
C VAL D 114 2.59 -7.93 16.87
N ALA D 115 3.01 -8.64 15.82
CA ALA D 115 4.26 -9.38 15.88
C ALA D 115 5.44 -8.44 16.11
N ASN D 116 5.48 -7.33 15.37
CA ASN D 116 6.56 -6.38 15.53
C ASN D 116 6.45 -5.63 16.85
N TYR D 117 5.25 -5.48 17.39
CA TYR D 117 5.11 -4.91 18.73
C TYR D 117 5.75 -5.82 19.76
N LEU D 118 5.52 -7.13 19.65
CA LEU D 118 6.17 -8.06 20.57
C LEU D 118 7.68 -8.04 20.41
N ILE D 119 8.16 -8.03 19.16
CA ILE D 119 9.60 -8.01 18.91
C ILE D 119 10.22 -6.72 19.44
N GLY D 120 9.52 -5.60 19.29
CA GLY D 120 10.04 -4.33 19.76
C GLY D 120 10.00 -4.19 21.27
N SER D 121 8.99 -4.77 21.91
CA SER D 121 8.99 -4.82 23.36
C SER D 121 10.16 -5.66 23.86
N LEU D 122 10.44 -6.77 23.18
CA LEU D 122 11.61 -7.57 23.52
C LEU D 122 12.89 -6.76 23.34
N ALA D 123 12.96 -5.97 22.26
CA ALA D 123 14.14 -5.14 22.01
C ALA D 123 14.29 -4.07 23.09
N VAL D 124 13.18 -3.48 23.53
CA VAL D 124 13.23 -2.49 24.61
C VAL D 124 13.70 -3.15 25.91
N THR D 125 13.22 -4.36 26.19
CA THR D 125 13.67 -5.06 27.39
C THR D 125 15.16 -5.37 27.33
N ASP D 126 15.65 -5.80 26.16
CA ASP D 126 17.08 -6.06 26.00
C ASP D 126 17.89 -4.78 26.11
N LEU D 127 17.33 -3.66 25.62
CA LEU D 127 17.98 -2.37 25.80
C LEU D 127 18.10 -2.00 27.27
N MET D 128 17.01 -2.21 28.03
CA MET D 128 17.06 -1.97 29.46
C MET D 128 18.12 -2.83 30.12
N VAL D 129 18.18 -4.11 29.75
CA VAL D 129 19.23 -5.01 30.26
C VAL D 129 20.61 -4.41 29.99
N SER D 130 20.93 -4.23 28.71
CA SER D 130 22.28 -3.85 28.32
C SER D 130 22.65 -2.42 28.73
N VAL D 131 21.68 -1.59 29.09
CA VAL D 131 21.97 -0.24 29.53
C VAL D 131 22.11 -0.16 31.04
N LEU D 132 21.28 -0.88 31.79
CA LEU D 132 21.27 -0.78 33.25
C LEU D 132 22.12 -1.86 33.92
N VAL D 133 21.84 -3.14 33.64
CA VAL D 133 22.47 -4.20 34.39
C VAL D 133 23.80 -4.65 33.81
N LEU D 134 24.09 -4.31 32.56
CA LEU D 134 25.33 -4.73 31.92
C LEU D 134 26.53 -3.87 32.33
N PRO D 135 26.44 -2.54 32.38
CA PRO D 135 27.60 -1.77 32.86
C PRO D 135 28.00 -2.10 34.29
N MET D 136 27.03 -2.32 35.18
CA MET D 136 27.37 -2.65 36.56
C MET D 136 27.91 -4.07 36.68
N ALA D 137 27.39 -4.99 35.88
CA ALA D 137 27.96 -6.34 35.85
C ALA D 137 29.39 -6.30 35.35
N ALA D 138 29.67 -5.49 34.32
CA ALA D 138 31.04 -5.34 33.83
C ALA D 138 31.93 -4.70 34.88
N LEU D 139 31.41 -3.71 35.63
CA LEU D 139 32.19 -3.09 36.69
C LEU D 139 32.52 -4.11 37.78
N TYR D 140 31.56 -4.96 38.15
CA TYR D 140 31.82 -6.01 39.12
C TYR D 140 32.84 -7.01 38.59
N GLN D 141 32.77 -7.34 37.30
CA GLN D 141 33.72 -8.29 36.72
C GLN D 141 35.13 -7.71 36.70
N VAL D 142 35.27 -6.42 36.40
CA VAL D 142 36.59 -5.81 36.33
C VAL D 142 37.14 -5.58 37.74
N LEU D 143 36.44 -4.77 38.53
CA LEU D 143 36.79 -4.59 39.94
C LEU D 143 36.26 -5.78 40.72
N ASN D 144 37.12 -6.75 41.02
CA ASN D 144 36.65 -7.97 41.69
C ASN D 144 35.87 -7.75 42.97
N LYS D 145 35.95 -6.55 43.53
CA LYS D 145 35.27 -6.24 44.77
C LYS D 145 34.12 -5.28 44.47
N TRP D 146 32.94 -5.59 45.00
CA TRP D 146 31.77 -4.73 44.82
C TRP D 146 31.79 -3.69 45.93
N THR D 147 32.44 -2.56 45.67
CA THR D 147 32.55 -1.49 46.64
C THR D 147 31.37 -0.54 46.61
N LEU D 148 30.38 -0.77 45.76
CA LEU D 148 29.23 0.12 45.62
C LEU D 148 28.12 -0.23 46.60
N GLY D 149 28.47 -0.33 47.88
CA GLY D 149 27.48 -0.55 48.92
C GLY D 149 26.87 -1.94 48.89
N GLN D 150 25.79 -2.09 49.65
CA GLN D 150 25.05 -3.34 49.72
C GLN D 150 23.60 -3.19 49.25
N VAL D 151 22.94 -2.10 49.64
CA VAL D 151 21.58 -1.86 49.16
C VAL D 151 21.59 -1.64 47.66
N THR D 152 22.64 -0.98 47.14
CA THR D 152 22.76 -0.82 45.70
C THR D 152 22.95 -2.16 45.01
N CYS D 153 23.74 -3.06 45.62
CA CYS D 153 23.89 -4.40 45.07
C CYS D 153 22.56 -5.14 45.03
N ASP D 154 21.78 -5.05 46.11
CA ASP D 154 20.46 -5.69 46.14
C ASP D 154 19.56 -5.11 45.06
N LEU D 155 19.58 -3.78 44.90
CA LEU D 155 18.76 -3.14 43.87
C LEU D 155 19.15 -3.60 42.48
N PHE D 156 20.45 -3.68 42.20
CA PHE D 156 20.90 -4.10 40.88
C PHE D 156 20.56 -5.56 40.62
N ILE D 157 20.68 -6.41 41.65
CA ILE D 157 20.31 -7.82 41.48
C ILE D 157 18.81 -7.94 41.21
N ALA D 158 17.99 -7.18 41.93
CA ALA D 158 16.55 -7.23 41.70
C ALA D 158 16.20 -6.75 40.29
N LEU D 159 16.83 -5.67 39.84
CA LEU D 159 16.57 -5.17 38.49
C LEU D 159 17.03 -6.17 37.44
N ASP D 160 18.16 -6.84 37.71
CA ASP D 160 18.68 -7.84 36.76
C ASP D 160 17.73 -9.03 36.65
N VAL D 161 17.31 -9.59 37.79
CA VAL D 161 16.39 -10.72 37.76
C VAL D 161 14.98 -10.33 37.36
N LEU D 162 14.70 -9.02 37.31
CA LEU D 162 13.46 -8.54 36.71
C LEU D 162 13.56 -8.52 35.19
N CYS D 163 14.59 -7.87 34.66
CA CYS D 163 14.75 -7.70 33.22
C CYS D 163 15.05 -9.00 32.50
N CYS D 164 15.84 -9.89 33.08
CA CYS D 164 16.16 -11.15 32.40
C CYS D 164 14.94 -12.06 32.29
N THR D 165 14.18 -12.20 33.38
CA THR D 165 12.97 -13.00 33.31
C THR D 165 11.92 -12.32 32.43
N SER D 166 11.92 -10.98 32.37
CA SER D 166 11.04 -10.30 31.44
C SER D 166 11.41 -10.62 30.00
N SER D 167 12.71 -10.69 29.70
CA SER D 167 13.13 -11.09 28.36
C SER D 167 12.67 -12.51 28.04
N ILE D 168 12.83 -13.43 29.01
CA ILE D 168 12.43 -14.82 28.78
C ILE D 168 10.93 -14.91 28.54
N TRP D 169 10.14 -14.19 29.33
CA TRP D 169 8.70 -14.22 29.15
C TRP D 169 8.24 -13.44 27.92
N HIS D 170 9.03 -12.48 27.45
CA HIS D 170 8.78 -11.92 26.13
C HIS D 170 8.95 -12.96 25.05
N LEU D 171 9.99 -13.80 25.17
CA LEU D 171 10.16 -14.91 24.24
C LEU D 171 8.96 -15.85 24.28
N CYS D 172 8.51 -16.18 25.49
CA CYS D 172 7.35 -17.07 25.63
C CYS D 172 6.08 -16.45 25.06
N ALA D 173 5.88 -15.14 25.27
CA ALA D 173 4.73 -14.45 24.72
C ALA D 173 4.77 -14.44 23.20
N ILE D 174 5.95 -14.21 22.62
CA ILE D 174 6.10 -14.27 21.17
C ILE D 174 5.71 -15.66 20.67
N ALA D 175 6.20 -16.70 21.35
CA ALA D 175 5.87 -18.07 20.95
C ALA D 175 4.38 -18.33 21.04
N LEU D 176 3.74 -17.87 22.12
CA LEU D 176 2.31 -18.12 22.31
C LEU D 176 1.48 -17.38 21.26
N ASP D 177 1.84 -16.14 20.95
CA ASP D 177 1.12 -15.41 19.91
C ASP D 177 1.30 -16.08 18.54
N ARG D 178 2.52 -16.54 18.24
CA ARG D 178 2.71 -17.30 17.02
C ARG D 178 1.86 -18.56 17.01
N TYR D 179 1.74 -19.23 18.16
CA TYR D 179 0.92 -20.43 18.23
C TYR D 179 -0.55 -20.11 17.96
N TRP D 180 -1.06 -19.03 18.55
CA TRP D 180 -2.44 -18.66 18.31
C TRP D 180 -2.68 -18.33 16.84
N ALA D 181 -1.76 -17.56 16.23
CA ALA D 181 -1.91 -17.20 14.83
C ALA D 181 -1.79 -18.40 13.90
N ILE D 182 -0.98 -19.38 14.27
CA ILE D 182 -0.77 -20.55 13.41
C ILE D 182 -1.87 -21.59 13.60
N THR D 183 -2.52 -21.61 14.76
CA THR D 183 -3.54 -22.61 15.04
C THR D 183 -4.94 -22.14 14.70
N ASP D 184 -5.27 -20.86 14.93
CA ASP D 184 -6.63 -20.37 14.76
C ASP D 184 -6.66 -19.20 13.78
N PRO D 185 -6.92 -19.46 12.49
CA PRO D 185 -7.12 -18.34 11.55
C PRO D 185 -8.30 -17.46 11.91
N ILE D 186 -9.37 -18.06 12.44
CA ILE D 186 -10.56 -17.28 12.78
C ILE D 186 -10.26 -16.28 13.89
N ASP D 187 -9.54 -16.72 14.92
CA ASP D 187 -9.09 -15.78 15.94
C ASP D 187 -8.11 -14.78 15.38
N TYR D 188 -7.18 -15.24 14.53
CA TYR D 188 -6.18 -14.34 13.95
C TYR D 188 -6.82 -13.21 13.16
N VAL D 189 -7.95 -13.46 12.53
CA VAL D 189 -8.64 -12.43 11.75
C VAL D 189 -9.58 -11.61 12.62
N ASN D 190 -10.42 -12.26 13.42
CA ASN D 190 -11.48 -11.56 14.13
C ASN D 190 -10.97 -10.90 15.41
N LYS D 191 -10.47 -11.69 16.35
CA LYS D 191 -10.20 -11.21 17.70
C LYS D 191 -8.81 -10.60 17.87
N ARG D 192 -7.91 -10.77 16.90
CA ARG D 192 -6.56 -10.22 17.03
C ARG D 192 -6.60 -8.71 17.10
N THR D 193 -5.91 -8.14 18.08
CA THR D 193 -5.89 -6.70 18.30
C THR D 193 -4.59 -6.35 19.02
N PRO D 194 -4.16 -5.09 18.97
CA PRO D 194 -2.99 -4.68 19.75
C PRO D 194 -3.20 -4.84 21.26
N ARG D 195 -4.45 -4.90 21.72
CA ARG D 195 -4.68 -5.16 23.13
C ARG D 195 -4.15 -6.52 23.55
N ARG D 196 -4.13 -7.48 22.63
CA ARG D 196 -3.55 -8.79 22.94
C ARG D 196 -2.06 -8.66 23.23
N ALA D 197 -1.33 -7.91 22.40
CA ALA D 197 0.08 -7.69 22.64
C ALA D 197 0.31 -6.92 23.93
N ALA D 198 -0.53 -5.92 24.19
CA ALA D 198 -0.40 -5.15 25.43
C ALA D 198 -0.60 -6.06 26.64
N ALA D 199 -1.59 -6.95 26.59
CA ALA D 199 -1.82 -7.88 27.69
C ALA D 199 -0.66 -8.85 27.86
N LEU D 200 -0.09 -9.33 26.75
CA LEU D 200 1.06 -10.23 26.84
C LEU D 200 2.24 -9.53 27.52
N ILE D 201 2.52 -8.29 27.12
CA ILE D 201 3.62 -7.56 27.72
C ILE D 201 3.35 -7.29 29.20
N SER D 202 2.10 -6.95 29.53
CA SER D 202 1.75 -6.70 30.93
C SER D 202 1.93 -7.94 31.77
N LEU D 203 1.53 -9.11 31.25
CA LEU D 203 1.72 -10.36 31.99
C LEU D 203 3.20 -10.66 32.16
N THR D 204 4.01 -10.45 31.11
CA THR D 204 5.45 -10.67 31.22
C THR D 204 6.05 -9.81 32.32
N TRP D 205 5.70 -8.52 32.35
CA TRP D 205 6.30 -7.62 33.33
C TRP D 205 5.74 -7.85 34.73
N LEU D 206 4.48 -8.28 34.84
CA LEU D 206 3.95 -8.68 36.13
C LEU D 206 4.72 -9.87 36.70
N ILE D 207 4.97 -10.87 35.85
CA ILE D 207 5.76 -12.03 36.29
C ILE D 207 7.16 -11.58 36.69
N GLY D 208 7.76 -10.69 35.91
CA GLY D 208 9.10 -10.21 36.25
C GLY D 208 9.14 -9.53 37.61
N PHE D 209 8.20 -8.62 37.86
CA PHE D 209 8.17 -7.93 39.15
C PHE D 209 7.90 -8.89 40.30
N LEU D 210 6.96 -9.82 40.12
CA LEU D 210 6.64 -10.76 41.20
C LEU D 210 7.74 -11.76 41.44
N ILE D 211 8.64 -11.97 40.47
CA ILE D 211 9.80 -12.81 40.72
C ILE D 211 10.94 -12.00 41.36
N SER D 212 11.07 -10.72 40.98
CA SER D 212 12.17 -9.92 41.50
C SER D 212 11.93 -9.42 42.92
N ILE D 213 10.68 -9.16 43.30
CA ILE D 213 10.38 -8.53 44.58
C ILE D 213 10.58 -9.42 45.81
N PRO D 214 10.42 -10.75 45.77
CA PRO D 214 10.57 -11.55 47.00
C PRO D 214 11.93 -11.41 47.65
N PRO D 215 13.04 -11.35 46.88
CA PRO D 215 14.32 -11.05 47.55
C PRO D 215 14.34 -9.72 48.28
N MET D 216 13.70 -8.70 47.71
CA MET D 216 13.64 -7.41 48.39
C MET D 216 12.80 -7.49 49.66
N LEU D 217 11.69 -8.25 49.61
CA LEU D 217 10.86 -8.42 50.79
C LEU D 217 11.62 -9.16 51.89
N GLY D 218 12.36 -10.21 51.52
CA GLY D 218 13.12 -10.98 52.48
C GLY D 218 13.58 -12.32 51.93
N ASP D 227 30.15 -11.93 52.76
CA ASP D 227 31.20 -11.02 52.30
C ASP D 227 30.60 -9.76 51.69
N PRO D 228 30.91 -8.60 52.27
CA PRO D 228 30.38 -7.35 51.73
C PRO D 228 30.84 -7.07 50.31
N ASP D 229 32.06 -7.45 49.95
CA ASP D 229 32.58 -7.24 48.60
C ASP D 229 32.21 -8.40 47.68
N ALA D 230 30.93 -8.74 47.64
CA ALA D 230 30.44 -9.83 46.80
C ALA D 230 28.95 -9.62 46.59
N CYS D 231 28.54 -9.50 45.33
CA CYS D 231 27.13 -9.27 44.98
C CYS D 231 26.62 -10.51 44.26
N THR D 232 25.82 -11.32 44.96
CA THR D 232 25.30 -12.57 44.43
C THR D 232 23.82 -12.70 44.76
N ILE D 233 23.14 -13.54 43.98
CA ILE D 233 21.72 -13.78 44.22
C ILE D 233 21.54 -14.64 45.47
N SER D 234 20.32 -14.62 46.00
CA SER D 234 20.00 -15.43 47.17
C SER D 234 20.15 -16.91 46.85
N LYS D 235 20.68 -17.66 47.81
CA LYS D 235 20.92 -19.09 47.63
C LYS D 235 20.01 -19.96 48.49
N ASP D 236 18.93 -19.40 49.04
CA ASP D 236 17.94 -20.21 49.72
C ASP D 236 17.35 -21.22 48.75
N HIS D 237 17.18 -22.46 49.22
CA HIS D 237 16.68 -23.51 48.34
C HIS D 237 15.27 -23.21 47.85
N GLY D 238 14.40 -22.74 48.75
CA GLY D 238 13.01 -22.47 48.41
C GLY D 238 12.87 -21.42 47.32
N TYR D 239 13.32 -20.20 47.59
CA TYR D 239 13.22 -19.16 46.56
C TYR D 239 14.07 -19.49 45.35
N THR D 240 15.19 -20.20 45.54
CA THR D 240 16.02 -20.57 44.41
C THR D 240 15.24 -21.42 43.42
N ILE D 241 14.62 -22.50 43.92
CA ILE D 241 13.86 -23.38 43.02
C ILE D 241 12.64 -22.66 42.48
N TYR D 242 11.99 -21.83 43.30
CA TYR D 242 10.81 -21.10 42.86
C TYR D 242 11.14 -20.17 41.70
N SER D 243 12.17 -19.32 41.86
CA SER D 243 12.54 -18.38 40.82
C SER D 243 13.07 -19.10 39.59
N THR D 244 13.91 -20.14 39.76
CA THR D 244 14.48 -20.80 38.60
C THR D 244 13.39 -21.49 37.78
N PHE D 245 12.39 -22.08 38.44
CA PHE D 245 11.32 -22.71 37.68
C PHE D 245 10.39 -21.68 37.06
N GLY D 246 10.03 -20.63 37.80
CA GLY D 246 9.13 -19.63 37.26
C GLY D 246 9.72 -18.78 36.17
N ALA D 247 11.05 -18.65 36.12
CA ALA D 247 11.72 -17.80 35.15
C ALA D 247 12.38 -18.57 34.02
N PHE D 248 12.76 -19.83 34.24
CA PHE D 248 13.37 -20.54 33.12
C PHE D 248 12.76 -21.91 32.86
N TYR D 249 12.36 -22.64 33.90
CA TYR D 249 11.93 -24.02 33.66
C TYR D 249 10.48 -24.10 33.20
N ILE D 250 9.57 -23.43 33.89
CA ILE D 250 8.19 -23.33 33.39
C ILE D 250 8.13 -22.59 32.06
N PRO D 251 8.81 -21.45 31.88
CA PRO D 251 8.89 -20.87 30.53
C PRO D 251 9.51 -21.80 29.50
N LEU D 252 10.50 -22.60 29.90
CA LEU D 252 11.12 -23.54 28.97
C LEU D 252 10.14 -24.59 28.52
N LEU D 253 9.38 -25.16 29.46
CA LEU D 253 8.36 -26.15 29.10
C LEU D 253 7.27 -25.53 28.24
N LEU D 254 6.84 -24.30 28.59
CA LEU D 254 5.83 -23.60 27.79
C LEU D 254 6.31 -23.42 26.36
N MET D 255 7.51 -22.89 26.17
CA MET D 255 8.03 -22.68 24.82
C MET D 255 8.23 -24.00 24.10
N LEU D 256 8.70 -25.03 24.80
CA LEU D 256 8.93 -26.31 24.16
C LEU D 256 7.62 -26.90 23.62
N VAL D 257 6.57 -26.89 24.43
CA VAL D 257 5.31 -27.47 23.97
C VAL D 257 4.66 -26.60 22.91
N LEU D 258 4.69 -25.28 23.08
CA LEU D 258 4.09 -24.39 22.09
C LEU D 258 4.78 -24.52 20.73
N TYR D 259 6.10 -24.49 20.73
CA TYR D 259 6.83 -24.59 19.46
C TYR D 259 6.79 -26.00 18.89
N GLY D 260 6.64 -27.03 19.73
CA GLY D 260 6.42 -28.37 19.19
C GLY D 260 5.08 -28.51 18.49
N ARG D 261 4.01 -28.00 19.11
CA ARG D 261 2.71 -28.03 18.45
C ARG D 261 2.72 -27.16 17.20
N ILE D 262 3.41 -26.02 17.24
CA ILE D 262 3.59 -25.21 16.04
C ILE D 262 4.34 -26.00 14.97
N PHE D 263 5.37 -26.76 15.37
CA PHE D 263 6.13 -27.55 14.42
C PHE D 263 5.26 -28.60 13.75
N ARG D 264 4.43 -29.29 14.53
CA ARG D 264 3.55 -30.30 13.96
C ARG D 264 2.49 -29.66 13.06
N ALA D 265 1.93 -28.52 13.48
CA ALA D 265 0.95 -27.83 12.65
C ALA D 265 1.56 -27.37 11.33
N ALA D 266 2.75 -26.78 11.38
CA ALA D 266 3.41 -26.31 10.16
C ALA D 266 3.81 -27.47 9.27
N ARG D 267 4.24 -28.58 9.85
CA ARG D 267 4.52 -29.78 9.06
C ARG D 267 3.25 -30.28 8.37
N PHE D 268 2.13 -30.25 9.08
CA PHE D 268 0.86 -30.65 8.48
C PHE D 268 0.48 -29.72 7.33
N ARG D 269 0.65 -28.41 7.50
CA ARG D 269 0.35 -27.47 6.42
C ARG D 269 1.24 -27.72 5.21
N ILE D 270 2.54 -27.95 5.44
CA ILE D 270 3.46 -28.15 4.35
C ILE D 270 3.17 -29.46 3.62
N ARG D 271 2.77 -30.50 4.35
CA ARG D 271 2.39 -31.75 3.71
C ARG D 271 1.08 -31.61 2.95
N LYS D 272 0.14 -30.81 3.49
CA LYS D 272 -1.12 -30.58 2.81
C LYS D 272 -0.92 -29.83 1.51
N THR D 273 0.00 -28.86 1.49
CA THR D 273 0.28 -28.14 0.25
C THR D 273 0.85 -29.04 -0.84
N VAL D 274 1.32 -30.24 -0.49
CA VAL D 274 1.79 -31.19 -1.48
C VAL D 274 1.06 -32.52 -1.33
N ASN D 372 6.48 -29.57 -11.57
CA ASN D 372 5.53 -30.66 -11.39
C ASN D 372 5.45 -31.11 -9.94
N ALA D 373 5.09 -32.37 -9.73
CA ALA D 373 5.00 -32.90 -8.37
C ALA D 373 6.36 -32.93 -7.69
N GLU D 374 7.42 -33.20 -8.45
CA GLU D 374 8.76 -33.19 -7.89
C GLU D 374 9.14 -31.80 -7.39
N ALA D 375 8.78 -30.76 -8.15
CA ALA D 375 9.03 -29.40 -7.69
C ALA D 375 8.25 -29.09 -6.42
N LYS D 376 6.99 -29.54 -6.35
CA LYS D 376 6.19 -29.30 -5.15
C LYS D 376 6.80 -29.99 -3.94
N ARG D 377 7.22 -31.25 -4.08
CA ARG D 377 7.79 -31.95 -2.93
C ARG D 377 9.15 -31.38 -2.55
N LYS D 378 9.94 -30.92 -3.53
CA LYS D 378 11.20 -30.26 -3.21
C LYS D 378 10.95 -28.97 -2.43
N MET D 379 9.95 -28.20 -2.84
CA MET D 379 9.60 -26.98 -2.11
C MET D 379 9.12 -27.32 -0.70
N ALA D 380 8.33 -28.38 -0.57
CA ALA D 380 7.87 -28.80 0.76
C ALA D 380 9.03 -29.19 1.66
N LEU D 381 9.99 -29.94 1.12
CA LEU D 381 11.16 -30.33 1.90
C LEU D 381 12.01 -29.12 2.27
N ALA D 382 12.15 -28.16 1.36
CA ALA D 382 12.88 -26.94 1.67
C ALA D 382 12.21 -26.15 2.78
N ARG D 383 10.88 -26.06 2.73
CA ARG D 383 10.14 -25.36 3.79
C ARG D 383 10.25 -26.10 5.12
N GLU D 384 10.25 -27.43 5.08
CA GLU D 384 10.44 -28.21 6.31
C GLU D 384 11.82 -27.98 6.91
N ARG D 385 12.85 -27.97 6.06
CA ARG D 385 14.19 -27.65 6.55
C ARG D 385 14.24 -26.24 7.12
N LYS D 386 13.55 -25.30 6.47
CA LYS D 386 13.55 -23.91 6.93
C LYS D 386 12.90 -23.79 8.31
N THR D 387 11.76 -24.44 8.52
CA THR D 387 11.11 -24.35 9.82
C THR D 387 11.93 -25.06 10.89
N VAL D 388 12.57 -26.19 10.53
CA VAL D 388 13.44 -26.87 11.48
C VAL D 388 14.59 -25.96 11.87
N LYS D 389 15.20 -25.28 10.90
CA LYS D 389 16.33 -24.40 11.18
C LYS D 389 15.91 -23.20 12.02
N THR D 390 14.75 -22.62 11.73
CA THR D 390 14.28 -21.47 12.51
C THR D 390 14.00 -21.86 13.96
N LEU D 391 13.28 -22.97 14.16
CA LEU D 391 13.02 -23.42 15.52
C LEU D 391 14.32 -23.80 16.23
N GLY D 392 15.27 -24.38 15.50
CA GLY D 392 16.56 -24.69 16.09
C GLY D 392 17.31 -23.45 16.53
N ILE D 393 17.26 -22.40 15.71
CA ILE D 393 17.93 -21.15 16.07
C ILE D 393 17.29 -20.55 17.32
N ILE D 394 15.95 -20.52 17.36
CA ILE D 394 15.27 -19.94 18.51
C ILE D 394 15.58 -20.72 19.77
N MET D 395 15.44 -22.05 19.71
CA MET D 395 15.66 -22.87 20.89
C MET D 395 17.13 -22.91 21.29
N GLY D 396 18.05 -22.85 20.33
CA GLY D 396 19.46 -22.78 20.67
C GLY D 396 19.82 -21.47 21.35
N THR D 397 19.27 -20.36 20.86
CA THR D 397 19.49 -19.08 21.51
C THR D 397 18.96 -19.08 22.93
N PHE D 398 17.81 -19.72 23.15
CA PHE D 398 17.29 -19.83 24.50
C PHE D 398 18.20 -20.72 25.37
N ILE D 399 18.52 -21.92 24.86
CA ILE D 399 19.17 -22.94 25.67
C ILE D 399 20.63 -22.58 25.93
N LEU D 400 21.43 -22.46 24.87
CA LEU D 400 22.86 -22.22 25.04
C LEU D 400 23.14 -20.96 25.84
N CYS D 401 22.20 -20.01 25.87
CA CYS D 401 22.37 -18.83 26.69
C CYS D 401 22.00 -19.11 28.15
N TRP D 402 20.73 -19.47 28.41
CA TRP D 402 20.27 -19.46 29.79
C TRP D 402 20.39 -20.80 30.52
N LEU D 403 20.40 -21.92 29.80
CA LEU D 403 20.47 -23.22 30.47
C LEU D 403 21.73 -23.40 31.30
N PRO D 404 22.94 -23.10 30.80
CA PRO D 404 24.12 -23.24 31.67
C PRO D 404 24.04 -22.39 32.92
N PHE D 405 23.39 -21.24 32.86
CA PHE D 405 23.22 -20.42 34.06
C PHE D 405 22.22 -21.07 35.02
N PHE D 406 21.08 -21.52 34.51
CA PHE D 406 20.00 -21.98 35.40
C PHE D 406 20.22 -23.38 35.94
N ILE D 407 20.84 -24.30 35.20
CA ILE D 407 21.17 -25.58 35.80
C ILE D 407 22.18 -25.40 36.93
N VAL D 408 23.13 -24.48 36.76
CA VAL D 408 24.05 -24.16 37.84
C VAL D 408 23.32 -23.54 39.02
N ALA D 409 22.42 -22.58 38.74
CA ALA D 409 21.64 -21.95 39.80
C ALA D 409 20.74 -22.94 40.52
N LEU D 410 20.43 -24.07 39.89
CA LEU D 410 19.66 -25.13 40.52
C LEU D 410 20.51 -26.12 41.30
N VAL D 411 21.69 -26.47 40.81
CA VAL D 411 22.47 -27.53 41.43
C VAL D 411 23.43 -27.00 42.49
N LEU D 412 24.08 -25.86 42.24
CA LEU D 412 25.07 -25.35 43.19
C LEU D 412 24.51 -25.05 44.57
N PRO D 413 23.33 -24.44 44.74
CA PRO D 413 22.81 -24.24 46.09
C PRO D 413 22.56 -25.52 46.85
N PHE D 414 22.41 -26.66 46.17
CA PHE D 414 22.22 -27.94 46.85
C PHE D 414 23.55 -28.61 47.20
N CYS D 415 24.56 -28.46 46.35
CA CYS D 415 25.90 -28.99 46.62
C CYS D 415 26.88 -27.82 46.61
N GLU D 416 27.03 -27.16 47.76
CA GLU D 416 27.89 -26.00 47.85
C GLU D 416 29.36 -26.40 47.79
N SER D 417 29.74 -27.41 48.56
CA SER D 417 31.14 -27.80 48.68
C SER D 417 31.49 -29.09 47.95
N SER D 418 30.49 -29.85 47.48
CA SER D 418 30.78 -31.08 46.77
C SER D 418 31.53 -30.81 45.47
N CYS D 419 31.12 -29.77 44.74
CA CYS D 419 31.76 -29.39 43.48
C CYS D 419 32.20 -27.94 43.56
N HIS D 420 33.45 -27.68 43.18
CA HIS D 420 33.96 -26.33 43.16
C HIS D 420 33.49 -25.59 41.91
N MET D 421 33.13 -24.32 42.09
CA MET D 421 32.67 -23.48 40.99
C MET D 421 33.71 -22.41 40.71
N PRO D 422 34.55 -22.57 39.70
CA PRO D 422 35.58 -21.56 39.42
C PRO D 422 34.96 -20.20 39.11
N THR D 423 35.62 -19.14 39.56
CA THR D 423 35.12 -17.79 39.34
C THR D 423 35.09 -17.44 37.87
N LEU D 424 36.14 -17.81 37.13
CA LEU D 424 36.18 -17.52 35.70
C LEU D 424 35.06 -18.24 34.96
N LEU D 425 34.85 -19.53 35.26
CA LEU D 425 33.80 -20.28 34.60
C LEU D 425 32.42 -19.74 34.96
N GLY D 426 32.22 -19.37 36.23
CA GLY D 426 30.95 -18.78 36.62
C GLY D 426 30.68 -17.46 35.93
N ALA D 427 31.71 -16.62 35.79
CA ALA D 427 31.55 -15.35 35.07
C ALA D 427 31.26 -15.59 33.60
N ILE D 428 31.93 -16.58 33.00
CA ILE D 428 31.66 -16.89 31.60
C ILE D 428 30.23 -17.34 31.42
N ILE D 429 29.72 -18.17 32.34
CA ILE D 429 28.33 -18.61 32.28
C ILE D 429 27.37 -17.43 32.46
N ASN D 430 27.67 -16.53 33.41
CA ASN D 430 26.81 -15.38 33.64
C ASN D 430 26.74 -14.49 32.40
N TRP D 431 27.88 -14.23 31.77
CA TRP D 431 27.88 -13.39 30.58
C TRP D 431 27.34 -14.11 29.35
N LEU D 432 27.43 -15.44 29.33
CA LEU D 432 26.75 -16.21 28.30
C LEU D 432 25.24 -16.03 28.40
N GLY D 433 24.72 -16.04 29.63
CA GLY D 433 23.32 -15.70 29.82
C GLY D 433 23.01 -14.26 29.45
N TYR D 434 23.93 -13.34 29.77
CA TYR D 434 23.74 -11.93 29.44
C TYR D 434 23.69 -11.69 27.93
N SER D 435 24.43 -12.47 27.16
CA SER D 435 24.48 -12.30 25.72
C SER D 435 23.16 -12.62 25.02
N ASN D 436 22.20 -13.20 25.74
CA ASN D 436 20.89 -13.45 25.15
C ASN D 436 20.20 -12.14 24.77
N SER D 437 20.35 -11.11 25.61
CA SER D 437 19.77 -9.81 25.29
C SER D 437 20.37 -9.22 24.02
N LEU D 438 21.68 -9.37 23.85
CA LEU D 438 22.32 -8.93 22.62
C LEU D 438 21.84 -9.74 21.42
N LEU D 439 21.71 -11.06 21.59
CA LEU D 439 21.38 -11.93 20.46
C LEU D 439 19.90 -11.89 20.07
N ASN D 440 19.01 -11.45 20.96
CA ASN D 440 17.59 -11.46 20.63
C ASN D 440 17.24 -10.60 19.42
N PRO D 441 17.73 -9.35 19.30
CA PRO D 441 17.46 -8.61 18.04
C PRO D 441 18.01 -9.30 16.82
N VAL D 442 19.20 -9.90 16.91
CA VAL D 442 19.80 -10.54 15.75
C VAL D 442 18.95 -11.70 15.25
N ILE D 443 18.10 -12.25 16.12
CA ILE D 443 17.27 -13.39 15.75
C ILE D 443 15.87 -12.95 15.34
N TYR D 444 15.27 -12.00 16.06
CA TYR D 444 13.88 -11.65 15.85
C TYR D 444 13.66 -10.43 14.96
N ALA D 445 14.63 -9.53 14.86
CA ALA D 445 14.48 -8.32 14.06
C ALA D 445 15.48 -8.24 12.93
N TYR D 446 16.77 -8.47 13.19
CA TYR D 446 17.78 -8.33 12.15
C TYR D 446 17.70 -9.44 11.11
N PHE D 447 16.98 -10.52 11.39
CA PHE D 447 16.68 -11.52 10.38
C PHE D 447 15.34 -11.26 9.70
N ASN D 448 14.54 -10.33 10.21
CA ASN D 448 13.20 -10.10 9.70
C ASN D 448 13.26 -9.19 8.47
N LYS D 449 12.54 -9.58 7.43
CA LYS D 449 12.59 -8.86 6.16
C LYS D 449 12.05 -7.45 6.30
N ASP D 450 10.99 -7.26 7.09
CA ASP D 450 10.44 -5.93 7.29
C ASP D 450 11.45 -5.00 7.95
N PHE D 451 12.15 -5.50 8.96
CA PHE D 451 13.17 -4.67 9.62
C PHE D 451 14.33 -4.38 8.69
N GLN D 452 14.75 -5.37 7.88
CA GLN D 452 15.82 -5.10 6.92
C GLN D 452 15.40 -4.04 5.91
N ASN D 453 14.16 -4.10 5.42
CA ASN D 453 13.67 -3.09 4.51
C ASN D 453 13.60 -1.72 5.19
N ALA D 454 13.18 -1.68 6.45
CA ALA D 454 13.13 -0.42 7.17
C ALA D 454 14.52 0.18 7.34
N PHE D 455 15.52 -0.66 7.64
CA PHE D 455 16.90 -0.18 7.72
C PHE D 455 17.35 0.39 6.38
N LYS D 456 17.10 -0.35 5.30
CA LYS D 456 17.54 0.10 3.99
C LYS D 456 16.86 1.39 3.57
N LYS D 457 15.59 1.57 3.95
CA LYS D 457 14.88 2.81 3.62
C LYS D 457 15.31 3.97 4.49
N ILE D 458 15.65 3.72 5.75
CA ILE D 458 16.04 4.81 6.64
C ILE D 458 17.49 5.22 6.44
N ILE D 459 18.33 4.35 5.88
CA ILE D 459 19.70 4.73 5.58
C ILE D 459 19.87 4.94 4.08
#